data_7OPX
#
_entry.id   7OPX
#
_cell.length_a   1.00
_cell.length_b   1.00
_cell.length_c   1.00
_cell.angle_alpha   90.00
_cell.angle_beta   90.00
_cell.angle_gamma   90.00
#
_symmetry.space_group_name_H-M   'P 1'
#
loop_
_entity.id
_entity.type
_entity.pdbx_description
1 polymer 'Capsid protein VP1'
2 polymer 'Capsid protein VP2'
3 polymer 'Capsid protein VP3'
4 polymer 'Capsid protein VP4'
5 water water
#
loop_
_entity_poly.entity_id
_entity_poly.type
_entity_poly.pdbx_seq_one_letter_code
_entity_poly.pdbx_strand_id
1 'polypeptide(L)'
;AATTQIGEIVKTVANTVESEIKAELGVIPSLNAVETGATSNTEPEEAIQTRTVINMHGTAECLVENFLGRSALVCMRSFE
YKNHSTSTSSIQKNFFIWTLNTRELVQIRRKMELFTYLRFDTEITIVPTLRLFSSSNVSFSGLPNLTLQAMYVPTGARKP
SSQDSFEWQSACNPSVFFKINDPPARLTIPFMSINSAYANFYDGFAGFEKKATVLYGINPANTMGNLCLRVVNSYQPVQY
TLTVRVYMKPKHIKAWAPRAPRTMPYTNILNNNYAGRSAAPNAPTAIVSHRSTIKTMPNDINLTTA
;
A
2 'polypeptide(L)'
;SPSAEACGYSDRVLQLKLGNSSIVTQEAANICCAYGEWPTYLPDNEAVAIDKPTQPETSTDRFYTLKSKKWESNSTGWWW
KLPDALNQIGMFGQNVQYHYLYRSGFLCHVQCNATKFHQGTLLIVAIPEHQIGKKGTGTSASFAEVMKGAEGGVFEQPYL
LDDGTSLACALVYPHQWINLRTNNSATIVLPWMNSAPMDFALRHNNWTLAVIPVCPLAGGTGNTNTYVPITISIAPMCAE
YNGLRNAITQ
;
B
3 'polypeptide(L)'
;GVPTCLLPGSNQFLTTDDHSSAPAFPDFSPTPEMHIPGQVHSMLEIVQIESMMEINNVNDASGVERLRVQISAQSDMDQL
LFNIPLDIQLEGPLRNTLLGNISRYYTHWSGSLEMTFMFCGSFMTTGKLIICYTPPGGSSPTDRMQAMLATHVVWDFGLQ
SSITIIIPWISGSHYRMFNTDAKAINANVGYVTCFMQTNLVAPVGAADQCYIVGMVAAKKDFNLRLMRDSPDIGQSAILP
EQA
;
C
4 'polypeptide(L)' GAQVSRQQTGTHENANVATGGSSITYNQINFYKDSYAASASKQDFSQDPSKFTEPVAEALKAGAPVLK D
#
# COMPACT_ATOMS: atom_id res chain seq x y z
N GLY A 7 19.53 -10.55 2.80
CA GLY A 7 19.44 -9.07 2.60
C GLY A 7 20.78 -8.38 2.56
N GLU A 8 21.14 -7.86 1.40
CA GLU A 8 22.40 -7.13 1.26
C GLU A 8 22.24 -5.70 1.76
N ILE A 9 23.37 -5.10 2.14
CA ILE A 9 23.41 -3.71 2.56
C ILE A 9 23.47 -2.82 1.33
N VAL A 10 22.58 -1.84 1.26
CA VAL A 10 22.53 -0.91 0.15
C VAL A 10 22.54 0.53 0.64
N LYS A 11 23.73 1.12 0.71
CA LYS A 11 23.85 2.55 0.97
C LYS A 11 23.81 3.34 -0.31
N THR A 12 24.49 2.84 -1.33
CA THR A 12 24.54 3.45 -2.64
C THR A 12 23.86 2.52 -3.63
N VAL A 13 23.24 3.13 -4.64
CA VAL A 13 22.50 2.37 -5.63
C VAL A 13 23.47 1.55 -6.48
N ALA A 14 22.93 0.62 -7.25
CA ALA A 14 23.76 -0.32 -7.97
C ALA A 14 24.63 0.37 -9.00
N ASN A 15 25.86 -0.13 -9.14
CA ASN A 15 26.71 0.29 -10.24
C ASN A 15 26.30 -0.41 -11.52
N THR A 16 26.73 0.16 -12.63
CA THR A 16 26.43 -0.38 -13.95
C THR A 16 27.69 -0.97 -14.56
N VAL A 17 27.56 -2.15 -15.13
CA VAL A 17 28.69 -2.90 -15.67
C VAL A 17 28.71 -2.75 -17.18
N GLU A 18 29.90 -2.82 -17.75
CA GLU A 18 30.06 -2.72 -19.19
C GLU A 18 29.62 -4.01 -19.86
N SER A 19 28.94 -3.88 -20.99
CA SER A 19 28.45 -5.01 -21.76
C SER A 19 28.72 -4.80 -23.23
N GLU A 20 28.86 -5.90 -23.96
CA GLU A 20 29.16 -5.90 -25.37
C GLU A 20 28.01 -6.53 -26.16
N ILE A 21 28.20 -6.63 -27.47
CA ILE A 21 27.20 -7.23 -28.33
C ILE A 21 26.97 -8.68 -27.92
N LYS A 22 25.78 -9.19 -28.20
CA LYS A 22 25.39 -10.52 -27.78
C LYS A 22 24.28 -11.06 -28.67
N ALA A 23 24.51 -12.23 -29.24
CA ALA A 23 23.57 -12.90 -30.13
C ALA A 23 23.53 -14.40 -29.80
N GLU A 24 23.42 -14.72 -28.51
CA GLU A 24 23.50 -16.10 -28.05
C GLU A 24 22.13 -16.76 -28.09
N LEU A 25 22.12 -18.05 -28.40
CA LEU A 25 20.88 -18.82 -28.39
C LEU A 25 20.56 -19.33 -27.00
N GLY A 26 19.28 -19.49 -26.72
CA GLY A 26 18.83 -20.00 -25.44
C GLY A 26 18.87 -19.00 -24.31
N VAL A 27 19.26 -17.77 -24.59
CA VAL A 27 19.45 -16.74 -23.56
C VAL A 27 18.53 -15.58 -23.95
N ILE A 28 17.42 -15.45 -23.26
CA ILE A 28 16.42 -14.42 -23.56
C ILE A 28 16.14 -13.61 -22.29
N PRO A 29 17.03 -12.69 -21.92
CA PRO A 29 16.84 -11.97 -20.66
C PRO A 29 15.69 -11.00 -20.67
N SER A 30 15.37 -10.38 -21.81
CA SER A 30 14.28 -9.42 -21.85
C SER A 30 12.91 -10.08 -21.82
N LEU A 31 12.84 -11.37 -22.11
CA LEU A 31 11.61 -12.12 -21.94
C LEU A 31 11.51 -12.61 -20.51
N ASN A 32 10.28 -12.80 -20.05
CA ASN A 32 10.03 -13.24 -18.70
C ASN A 32 8.56 -13.63 -18.57
N ALA A 33 8.21 -14.13 -17.39
CA ALA A 33 6.88 -14.67 -17.12
C ALA A 33 6.30 -13.91 -15.93
N VAL A 34 5.40 -12.98 -16.23
CA VAL A 34 4.76 -12.19 -15.18
C VAL A 34 3.81 -13.05 -14.35
N GLU A 35 3.32 -14.16 -14.92
CA GLU A 35 2.32 -14.96 -14.23
C GLU A 35 2.86 -15.58 -12.96
N THR A 36 4.18 -15.67 -12.82
CA THR A 36 4.77 -16.26 -11.64
C THR A 36 4.60 -15.38 -10.41
N GLY A 37 4.13 -14.16 -10.60
CA GLY A 37 4.11 -13.17 -9.55
C GLY A 37 5.44 -12.49 -9.32
N ALA A 38 6.45 -12.83 -10.10
CA ALA A 38 7.77 -12.26 -9.91
C ALA A 38 7.95 -11.03 -10.80
N THR A 39 8.76 -10.11 -10.32
CA THR A 39 9.08 -8.91 -11.08
C THR A 39 10.27 -9.16 -11.99
N SER A 40 10.21 -8.58 -13.18
CA SER A 40 11.27 -8.75 -14.16
C SER A 40 12.64 -8.57 -13.55
N ASN A 41 13.53 -9.52 -13.83
CA ASN A 41 14.91 -9.48 -13.39
C ASN A 41 15.85 -9.00 -14.48
N THR A 42 15.32 -8.50 -15.58
CA THR A 42 16.13 -8.01 -16.68
C THR A 42 17.05 -6.89 -16.22
N GLU A 43 18.29 -6.99 -16.57
CA GLU A 43 19.33 -6.02 -16.26
C GLU A 43 19.44 -4.99 -17.39
N PRO A 44 19.79 -3.75 -17.07
CA PRO A 44 20.13 -2.80 -18.14
C PRO A 44 21.28 -3.30 -18.99
N GLU A 45 22.21 -4.04 -18.36
CA GLU A 45 23.41 -4.50 -19.04
C GLU A 45 23.12 -5.52 -20.13
N GLU A 46 22.11 -6.37 -19.95
CA GLU A 46 21.78 -7.38 -20.94
C GLU A 46 20.62 -7.02 -21.85
N ALA A 47 20.00 -5.85 -21.67
CA ALA A 47 18.97 -5.38 -22.58
C ALA A 47 19.51 -4.36 -23.57
N ILE A 48 20.48 -3.56 -23.14
CA ILE A 48 21.18 -2.61 -23.99
C ILE A 48 22.67 -2.82 -23.80
N GLN A 49 23.46 -2.15 -24.64
CA GLN A 49 24.88 -2.03 -24.37
C GLN A 49 25.12 -0.89 -23.39
N THR A 50 25.81 -1.20 -22.31
CA THR A 50 26.02 -0.25 -21.23
C THR A 50 27.49 0.08 -21.10
N ARG A 51 27.77 1.15 -20.40
CA ARG A 51 29.12 1.50 -19.99
C ARG A 51 29.28 1.24 -18.50
N THR A 52 30.52 1.27 -18.05
CA THR A 52 30.79 1.15 -16.63
C THR A 52 30.49 2.47 -15.93
N VAL A 53 29.56 2.43 -14.98
CA VAL A 53 29.20 3.60 -14.19
C VAL A 53 29.38 3.23 -12.72
N ILE A 54 30.23 3.98 -12.03
CA ILE A 54 30.36 3.87 -10.59
C ILE A 54 29.46 4.93 -9.97
N ASN A 55 28.33 4.49 -9.44
CA ASN A 55 27.31 5.40 -8.92
C ASN A 55 27.44 5.49 -7.42
N MET A 56 27.50 6.72 -6.91
CA MET A 56 27.65 6.98 -5.48
C MET A 56 26.43 7.66 -4.89
N HIS A 57 25.26 7.48 -5.50
CA HIS A 57 24.03 8.08 -5.01
C HIS A 57 23.52 7.31 -3.81
N GLY A 58 23.21 8.03 -2.73
CA GLY A 58 22.82 7.39 -1.50
C GLY A 58 21.37 6.95 -1.50
N THR A 59 21.06 6.07 -0.57
CA THR A 59 19.72 5.53 -0.38
C THR A 59 19.14 5.87 0.98
N ALA A 60 19.84 6.66 1.77
CA ALA A 60 19.43 6.89 3.14
C ALA A 60 18.06 7.53 3.22
N GLU A 61 17.68 8.27 2.18
CA GLU A 61 16.55 9.16 2.31
C GLU A 61 15.27 8.50 1.80
N CYS A 62 15.37 7.24 1.39
CA CYS A 62 14.21 6.38 1.17
C CYS A 62 14.02 5.34 2.27
N LEU A 63 14.87 5.35 3.30
CA LEU A 63 14.66 4.45 4.43
C LEU A 63 13.37 4.81 5.14
N VAL A 64 12.65 3.77 5.59
CA VAL A 64 11.34 3.99 6.19
C VAL A 64 11.47 4.84 7.45
N GLU A 65 12.60 4.76 8.13
CA GLU A 65 12.83 5.62 9.28
C GLU A 65 12.79 7.09 8.89
N ASN A 66 13.24 7.42 7.69
CA ASN A 66 13.24 8.81 7.25
C ASN A 66 11.96 9.16 6.52
N PHE A 67 11.42 8.23 5.73
CA PHE A 67 10.17 8.47 5.04
C PHE A 67 9.04 8.73 6.02
N LEU A 68 8.97 7.94 7.09
CA LEU A 68 7.94 8.11 8.10
C LEU A 68 8.39 8.95 9.27
N GLY A 69 9.69 8.96 9.58
CA GLY A 69 10.20 9.66 10.73
C GLY A 69 10.29 11.15 10.55
N ARG A 70 9.17 11.76 10.19
CA ARG A 70 9.06 13.21 10.11
C ARG A 70 7.85 13.65 10.93
N SER A 71 7.99 14.76 11.63
CA SER A 71 6.92 15.25 12.46
C SER A 71 5.77 15.74 11.59
N ALA A 72 4.58 15.22 11.84
CA ALA A 72 3.42 15.47 11.01
C ALA A 72 2.24 15.82 11.88
N LEU A 73 1.44 16.77 11.42
CA LEU A 73 0.22 17.14 12.12
C LEU A 73 -0.76 15.97 12.11
N VAL A 74 -1.24 15.61 13.29
CA VAL A 74 -2.26 14.58 13.42
C VAL A 74 -3.56 15.13 14.00
N CYS A 75 -3.51 16.29 14.64
CA CYS A 75 -4.68 16.87 15.28
C CYS A 75 -4.55 18.39 15.31
N MET A 76 -5.69 19.07 15.24
CA MET A 76 -5.74 20.50 15.48
C MET A 76 -7.09 20.84 16.08
N ARG A 77 -7.10 21.10 17.38
CA ARG A 77 -8.31 21.42 18.12
C ARG A 77 -8.23 22.85 18.63
N SER A 78 -9.36 23.52 18.64
CA SER A 78 -9.48 24.85 19.22
C SER A 78 -10.67 24.88 20.15
N PHE A 79 -10.55 25.69 21.21
CA PHE A 79 -11.67 25.99 22.07
C PHE A 79 -11.58 27.43 22.54
N GLU A 80 -12.73 27.95 22.96
CA GLU A 80 -12.84 29.31 23.47
C GLU A 80 -12.45 29.34 24.93
N TYR A 81 -11.46 30.18 25.26
CA TYR A 81 -10.99 30.33 26.63
C TYR A 81 -11.68 31.55 27.23
N LYS A 82 -12.68 31.30 28.06
CA LYS A 82 -13.57 32.34 28.56
C LYS A 82 -14.26 31.80 29.79
N ASN A 83 -15.27 32.53 30.25
CA ASN A 83 -16.17 32.04 31.27
C ASN A 83 -17.38 31.39 30.61
N HIS A 84 -17.50 30.08 30.76
CA HIS A 84 -18.61 29.34 30.21
C HIS A 84 -19.76 29.19 31.21
N SER A 85 -19.60 29.72 32.41
CA SER A 85 -20.65 29.62 33.41
C SER A 85 -21.81 30.54 33.05
N THR A 86 -23.01 30.02 33.17
CA THR A 86 -24.23 30.73 32.82
C THR A 86 -25.08 30.91 34.06
N SER A 87 -26.31 31.40 33.86
CA SER A 87 -27.25 31.51 34.97
C SER A 87 -27.70 30.15 35.49
N THR A 88 -27.37 29.07 34.78
CA THR A 88 -27.79 27.72 35.19
C THR A 88 -26.59 26.86 35.60
N SER A 89 -25.60 26.69 34.72
CA SER A 89 -24.51 25.75 34.94
C SER A 89 -23.21 26.48 35.28
N SER A 90 -22.43 25.88 36.18
CA SER A 90 -21.15 26.44 36.59
C SER A 90 -19.97 25.81 35.85
N ILE A 91 -20.23 24.79 35.02
CA ILE A 91 -19.16 24.06 34.38
C ILE A 91 -18.31 25.00 33.54
N GLN A 92 -16.98 24.90 33.68
CA GLN A 92 -16.03 25.61 32.85
C GLN A 92 -15.45 24.65 31.83
N LYS A 93 -15.24 25.13 30.61
CA LYS A 93 -15.11 24.27 29.44
C LYS A 93 -14.01 24.76 28.52
N ASN A 94 -12.95 25.26 29.15
CA ASN A 94 -11.77 25.73 28.46
C ASN A 94 -10.81 24.57 28.35
N PHE A 95 -11.31 23.47 27.80
CA PHE A 95 -10.53 22.27 27.60
C PHE A 95 -11.12 21.52 26.41
N PHE A 96 -10.30 20.69 25.80
CA PHE A 96 -10.77 19.77 24.77
C PHE A 96 -10.21 18.38 25.04
N ILE A 97 -10.93 17.38 24.57
CA ILE A 97 -10.53 15.99 24.66
C ILE A 97 -10.42 15.45 23.26
N TRP A 98 -9.28 14.85 22.95
CA TRP A 98 -9.01 14.29 21.63
C TRP A 98 -8.71 12.81 21.78
N THR A 99 -9.43 11.99 21.03
CA THR A 99 -9.13 10.57 20.94
C THR A 99 -8.03 10.38 19.90
N LEU A 100 -6.95 9.73 20.31
CA LEU A 100 -5.74 9.75 19.49
C LEU A 100 -5.89 8.83 18.29
N ASN A 101 -5.38 9.29 17.17
CA ASN A 101 -5.50 8.59 15.90
C ASN A 101 -4.61 9.32 14.90
N THR A 102 -4.27 8.61 13.84
CA THR A 102 -3.44 9.15 12.78
C THR A 102 -4.22 9.37 11.50
N ARG A 103 -5.53 9.60 11.62
CA ARG A 103 -6.42 9.55 10.48
C ARG A 103 -7.16 10.86 10.22
N GLU A 104 -7.02 11.86 11.09
CA GLU A 104 -7.72 13.11 10.88
C GLU A 104 -7.06 13.98 9.81
N LEU A 105 -5.80 13.72 9.49
CA LEU A 105 -5.08 14.48 8.48
C LEU A 105 -4.47 13.52 7.49
N VAL A 106 -4.61 13.85 6.20
CA VAL A 106 -4.49 12.84 5.16
C VAL A 106 -3.05 12.54 4.80
N GLN A 107 -2.16 13.53 4.86
CA GLN A 107 -0.77 13.29 4.48
C GLN A 107 -0.16 12.22 5.36
N ILE A 108 -0.25 12.40 6.68
CA ILE A 108 0.31 11.41 7.60
C ILE A 108 -0.47 10.11 7.50
N ARG A 109 -1.78 10.19 7.33
CA ARG A 109 -2.60 8.99 7.25
C ARG A 109 -2.17 8.11 6.08
N ARG A 110 -2.07 8.71 4.90
CA ARG A 110 -1.80 7.92 3.71
C ARG A 110 -0.37 7.39 3.70
N LYS A 111 0.57 8.14 4.26
CA LYS A 111 1.95 7.66 4.31
C LYS A 111 2.03 6.34 5.05
N MET A 112 1.14 6.14 6.01
CA MET A 112 1.34 5.08 6.98
C MET A 112 0.28 4.01 6.82
N GLU A 113 -0.69 4.27 5.93
CA GLU A 113 -1.47 3.25 5.25
C GLU A 113 -0.75 2.65 4.06
N LEU A 114 0.44 3.15 3.72
CA LEU A 114 1.31 2.46 2.77
C LEU A 114 1.82 1.15 3.33
N PHE A 115 1.67 0.92 4.64
CA PHE A 115 2.11 -0.29 5.28
C PHE A 115 0.98 -0.84 6.12
N THR A 116 0.82 -2.17 6.07
CA THR A 116 -0.22 -2.83 6.85
C THR A 116 0.05 -2.72 8.34
N TYR A 117 1.27 -2.98 8.77
CA TYR A 117 1.63 -3.01 10.17
C TYR A 117 2.82 -2.10 10.41
N LEU A 118 2.76 -1.33 11.49
CA LEU A 118 3.86 -0.45 11.90
C LEU A 118 4.08 -0.58 13.38
N ARG A 119 5.35 -0.65 13.77
CA ARG A 119 5.76 -0.54 15.16
C ARG A 119 6.68 0.65 15.28
N PHE A 120 6.28 1.62 16.10
CA PHE A 120 7.10 2.82 16.24
C PHE A 120 6.80 3.49 17.57
N ASP A 121 7.86 3.89 18.24
CA ASP A 121 7.76 4.84 19.35
C ASP A 121 7.58 6.23 18.77
N THR A 122 6.60 6.95 19.29
CA THR A 122 6.12 8.16 18.67
C THR A 122 6.43 9.37 19.54
N GLU A 123 6.83 10.46 18.89
CA GLU A 123 7.19 11.72 19.53
C GLU A 123 6.12 12.76 19.24
N ILE A 124 5.54 13.32 20.30
CA ILE A 124 4.45 14.28 20.17
C ILE A 124 4.97 15.66 20.56
N THR A 125 4.70 16.63 19.70
CA THR A 125 5.00 18.03 19.96
C THR A 125 3.70 18.82 19.91
N ILE A 126 3.42 19.57 20.96
CA ILE A 126 2.18 20.32 21.09
C ILE A 126 2.51 21.79 20.88
N VAL A 127 1.86 22.40 19.91
CA VAL A 127 2.11 23.80 19.54
C VAL A 127 0.86 24.62 19.81
N PRO A 128 0.80 25.36 20.91
CA PRO A 128 -0.36 26.19 21.19
C PRO A 128 -0.24 27.59 20.63
N THR A 129 -1.37 28.14 20.23
CA THR A 129 -1.45 29.50 19.74
C THR A 129 -2.72 30.15 20.28
N LEU A 130 -2.59 31.39 20.73
CA LEU A 130 -3.70 32.17 21.22
C LEU A 130 -4.08 33.24 20.20
N ARG A 131 -5.27 33.79 20.39
CA ARG A 131 -5.68 35.02 19.74
C ARG A 131 -6.74 35.68 20.61
N LEU A 132 -6.98 36.96 20.34
CA LEU A 132 -8.05 37.66 21.01
C LEU A 132 -9.29 37.66 20.14
N PHE A 133 -10.39 37.16 20.69
CA PHE A 133 -11.64 37.12 19.95
C PHE A 133 -12.15 38.53 19.70
N SER A 134 -12.68 38.74 18.49
CA SER A 134 -13.14 40.06 18.08
C SER A 134 -14.54 40.32 18.66
N SER A 135 -14.55 40.67 19.94
CA SER A 135 -15.80 40.96 20.63
C SER A 135 -16.34 42.30 20.18
N SER A 136 -17.58 42.60 20.61
CA SER A 136 -18.22 43.84 20.21
C SER A 136 -17.34 45.05 20.50
N ASN A 137 -16.65 45.05 21.63
CA ASN A 137 -15.76 46.14 21.99
C ASN A 137 -14.68 45.58 22.91
N VAL A 138 -13.49 45.36 22.37
CA VAL A 138 -12.38 44.83 23.15
C VAL A 138 -11.07 45.37 22.57
N SER A 139 -10.32 46.08 23.40
CA SER A 139 -8.97 46.47 23.04
C SER A 139 -8.09 45.23 22.99
N PHE A 140 -7.16 45.20 22.02
CA PHE A 140 -6.25 44.08 21.93
C PHE A 140 -5.16 44.28 22.97
N SER A 141 -5.42 43.82 24.17
CA SER A 141 -4.54 44.08 25.29
C SER A 141 -3.45 43.04 25.44
N GLY A 142 -3.07 42.37 24.35
CA GLY A 142 -1.97 41.43 24.38
C GLY A 142 -2.41 39.98 24.57
N LEU A 143 -1.41 39.09 24.52
CA LEU A 143 -1.65 37.66 24.65
C LEU A 143 -1.06 37.15 25.95
N PRO A 144 -1.88 36.65 26.89
CA PRO A 144 -1.34 36.18 28.16
C PRO A 144 -0.51 34.92 27.99
N ASN A 145 0.44 34.74 28.91
CA ASN A 145 1.27 33.53 28.95
C ASN A 145 0.58 32.50 29.85
N LEU A 146 -0.43 31.86 29.28
CA LEU A 146 -1.21 30.89 30.02
C LEU A 146 -0.45 29.59 30.19
N THR A 147 -0.75 28.88 31.27
CA THR A 147 -0.19 27.56 31.52
C THR A 147 -1.21 26.52 31.07
N LEU A 148 -0.82 25.68 30.13
CA LEU A 148 -1.67 24.62 29.62
C LEU A 148 -1.27 23.29 30.24
N GLN A 149 -2.24 22.40 30.37
CA GLN A 149 -2.02 21.06 30.89
C GLN A 149 -2.56 20.05 29.90
N ALA A 150 -1.67 19.28 29.30
CA ALA A 150 -2.05 18.17 28.43
C ALA A 150 -1.92 16.88 29.21
N MET A 151 -3.04 16.20 29.42
CA MET A 151 -3.10 15.01 30.24
C MET A 151 -3.49 13.82 29.36
N TYR A 152 -2.63 12.81 29.32
CA TYR A 152 -2.95 11.55 28.65
C TYR A 152 -3.87 10.74 29.55
N VAL A 153 -5.06 10.43 29.05
CA VAL A 153 -6.02 9.62 29.78
C VAL A 153 -6.09 8.25 29.11
N PRO A 154 -5.49 7.22 29.68
CA PRO A 154 -5.63 5.88 29.10
C PRO A 154 -7.05 5.38 29.20
N THR A 155 -7.42 4.54 28.25
CA THR A 155 -8.77 4.03 28.18
C THR A 155 -9.17 3.35 29.49
N GLY A 156 -10.40 3.60 29.93
CA GLY A 156 -10.89 3.09 31.19
C GLY A 156 -10.70 4.03 32.36
N ALA A 157 -9.84 5.04 32.23
CA ALA A 157 -9.68 6.04 33.26
C ALA A 157 -10.76 7.11 33.11
N ARG A 158 -11.14 7.70 34.24
CA ARG A 158 -12.20 8.69 34.22
C ARG A 158 -11.72 9.98 33.60
N LYS A 159 -12.60 10.59 32.82
CA LYS A 159 -12.24 11.76 32.04
C LYS A 159 -12.62 13.03 32.78
N PRO A 160 -11.94 14.14 32.50
CA PRO A 160 -12.42 15.43 33.00
C PRO A 160 -13.53 15.97 32.12
N SER A 161 -14.64 16.32 32.77
CA SER A 161 -15.73 16.99 32.08
C SER A 161 -15.81 18.45 32.46
N SER A 162 -14.72 19.02 32.96
CA SER A 162 -14.68 20.44 33.30
C SER A 162 -13.24 20.86 33.44
N GLN A 163 -13.05 22.18 33.33
CA GLN A 163 -11.76 22.80 33.55
C GLN A 163 -11.32 22.65 35.00
N ASP A 164 -12.28 22.69 35.92
CA ASP A 164 -12.04 22.63 37.35
C ASP A 164 -12.15 21.22 37.92
N SER A 165 -12.40 20.23 37.07
CA SER A 165 -12.51 18.86 37.55
C SER A 165 -11.25 18.46 38.30
N PHE A 166 -11.40 17.50 39.19
CA PHE A 166 -10.28 16.97 39.95
C PHE A 166 -9.69 15.73 39.31
N GLU A 167 -10.13 15.38 38.10
CA GLU A 167 -9.43 14.37 37.33
C GLU A 167 -8.09 14.89 36.84
N TRP A 168 -7.86 16.19 36.94
CA TRP A 168 -6.65 16.82 36.44
C TRP A 168 -5.48 16.72 37.40
N GLN A 169 -5.63 16.04 38.54
CA GLN A 169 -4.48 15.77 39.40
C GLN A 169 -3.35 15.14 38.61
N SER A 170 -3.67 14.18 37.74
CA SER A 170 -2.67 13.45 36.97
C SER A 170 -1.64 12.84 37.91
N ALA A 171 -2.13 12.28 39.01
CA ALA A 171 -1.25 11.56 39.93
C ALA A 171 -0.64 10.35 39.25
N CYS A 172 -1.44 9.63 38.48
CA CYS A 172 -1.01 8.49 37.69
C CYS A 172 -0.92 8.83 36.21
N ASN A 173 -1.92 9.52 35.70
CA ASN A 173 -1.94 9.88 34.30
C ASN A 173 -0.76 10.80 34.00
N PRO A 174 -0.03 10.57 32.93
CA PRO A 174 1.03 11.50 32.54
C PRO A 174 0.45 12.80 32.03
N SER A 175 0.89 13.90 32.61
CA SER A 175 0.44 15.20 32.20
C SER A 175 1.65 16.11 32.07
N VAL A 176 1.61 17.00 31.10
CA VAL A 176 2.67 17.94 30.83
C VAL A 176 2.10 19.36 30.92
N PHE A 177 2.74 20.18 31.74
CA PHE A 177 2.36 21.58 31.88
C PHE A 177 3.34 22.43 31.09
N PHE A 178 2.80 23.32 30.26
CA PHE A 178 3.63 24.18 29.44
C PHE A 178 2.88 25.48 29.23
N LYS A 179 3.64 26.51 28.86
CA LYS A 179 3.12 27.84 28.66
C LYS A 179 3.06 28.19 27.18
N ILE A 180 2.32 29.26 26.88
CA ILE A 180 2.20 29.74 25.52
C ILE A 180 3.56 30.17 24.98
N ASN A 181 4.26 31.00 25.74
CA ASN A 181 5.51 31.61 25.29
C ASN A 181 6.69 30.65 25.30
N ASP A 182 6.61 29.56 26.05
CA ASP A 182 7.69 28.60 26.10
C ASP A 182 7.76 27.81 24.81
N PRO A 183 8.90 27.19 24.52
CA PRO A 183 8.99 26.33 23.34
C PRO A 183 7.99 25.20 23.42
N PRO A 184 7.51 24.72 22.27
CA PRO A 184 6.38 23.79 22.30
C PRO A 184 6.69 22.54 23.10
N ALA A 185 5.66 22.05 23.78
CA ALA A 185 5.80 20.85 24.59
C ALA A 185 6.15 19.65 23.73
N ARG A 186 6.93 18.74 24.28
CA ARG A 186 7.36 17.55 23.59
C ARG A 186 7.55 16.41 24.57
N LEU A 187 7.22 15.21 24.11
CA LEU A 187 7.46 13.99 24.86
C LEU A 187 7.38 12.82 23.90
N THR A 188 7.93 11.69 24.32
CA THR A 188 7.93 10.48 23.53
C THR A 188 6.95 9.48 24.13
N ILE A 189 5.97 9.08 23.34
CA ILE A 189 5.09 7.98 23.70
C ILE A 189 5.66 6.68 23.13
N PRO A 190 5.77 5.63 23.93
CA PRO A 190 6.33 4.38 23.42
C PRO A 190 5.37 3.65 22.49
N PHE A 191 5.81 2.48 22.06
CA PHE A 191 4.94 1.55 21.36
C PHE A 191 4.06 0.81 22.33
N MET A 192 2.75 1.02 22.20
CA MET A 192 1.80 0.69 23.24
C MET A 192 0.77 -0.35 22.86
N SER A 193 0.79 -0.82 21.63
CA SER A 193 -0.20 -1.78 21.22
C SER A 193 -0.06 -3.04 22.07
N ILE A 194 -1.21 -3.59 22.46
CA ILE A 194 -1.22 -4.89 23.10
C ILE A 194 -0.69 -5.96 22.16
N ASN A 195 -0.51 -5.62 20.90
CA ASN A 195 0.06 -6.50 19.90
C ASN A 195 1.47 -6.05 19.54
N SER A 196 2.10 -6.79 18.65
CA SER A 196 3.47 -6.52 18.26
C SER A 196 3.59 -5.36 17.28
N ALA A 197 2.48 -4.86 16.75
CA ALA A 197 2.53 -3.74 15.83
C ALA A 197 1.15 -3.11 15.75
N TYR A 198 1.14 -1.82 15.41
CA TYR A 198 -0.11 -1.17 15.06
C TYR A 198 -0.57 -1.65 13.69
N ALA A 199 -1.87 -1.83 13.54
CA ALA A 199 -2.46 -2.18 12.26
C ALA A 199 -3.24 -0.98 11.73
N ASN A 200 -2.86 -0.50 10.56
CA ASN A 200 -3.58 0.58 9.93
C ASN A 200 -4.88 0.10 9.29
N PHE A 201 -4.99 -1.20 9.05
CA PHE A 201 -6.18 -1.80 8.48
C PHE A 201 -6.53 -3.04 9.27
N TYR A 202 -7.82 -3.20 9.56
CA TYR A 202 -8.30 -4.32 10.35
C TYR A 202 -9.54 -4.90 9.65
N ASP A 203 -9.37 -6.04 9.00
CA ASP A 203 -10.47 -6.74 8.36
C ASP A 203 -11.21 -7.62 9.37
N GLY A 204 -12.00 -6.96 10.20
CA GLY A 204 -12.74 -7.67 11.22
C GLY A 204 -13.49 -6.71 12.11
N PHE A 205 -13.98 -7.26 13.22
CA PHE A 205 -14.83 -6.55 14.15
C PHE A 205 -14.25 -6.64 15.55
N ALA A 206 -14.29 -5.53 16.27
CA ALA A 206 -13.62 -5.41 17.56
C ALA A 206 -14.43 -6.01 18.70
N GLY A 207 -15.55 -6.66 18.42
CA GLY A 207 -16.42 -7.17 19.46
C GLY A 207 -16.84 -8.60 19.18
N PHE A 208 -17.24 -9.27 20.25
CA PHE A 208 -17.70 -10.65 20.14
C PHE A 208 -19.14 -10.74 19.67
N GLU A 209 -19.87 -9.63 19.69
CA GLU A 209 -21.26 -9.64 19.29
C GLU A 209 -21.42 -9.27 17.83
N LYS A 210 -22.54 -9.70 17.26
CA LYS A 210 -22.81 -9.60 15.83
C LYS A 210 -23.58 -8.34 15.45
N LYS A 211 -24.00 -7.52 16.40
CA LYS A 211 -25.03 -6.55 16.04
C LYS A 211 -24.45 -5.52 15.08
N ALA A 212 -25.29 -4.57 14.69
CA ALA A 212 -24.83 -3.46 13.87
C ALA A 212 -23.94 -2.47 14.62
N THR A 213 -24.04 -2.40 15.95
CA THR A 213 -23.25 -1.42 16.70
C THR A 213 -21.77 -1.77 16.74
N VAL A 214 -21.40 -2.99 16.36
CA VAL A 214 -20.00 -3.40 16.31
C VAL A 214 -19.52 -3.11 14.90
N LEU A 215 -18.64 -2.12 14.78
CA LEU A 215 -18.30 -1.56 13.49
C LEU A 215 -17.15 -2.30 12.84
N TYR A 216 -17.18 -2.35 11.51
CA TYR A 216 -16.14 -2.97 10.73
C TYR A 216 -14.95 -2.04 10.61
N GLY A 217 -13.75 -2.60 10.78
CA GLY A 217 -12.52 -1.86 10.62
C GLY A 217 -11.96 -1.28 11.91
N ILE A 218 -12.73 -1.31 12.98
CA ILE A 218 -12.26 -0.83 14.27
C ILE A 218 -11.37 -1.90 14.88
N ASN A 219 -10.13 -1.53 15.19
CA ASN A 219 -9.17 -2.47 15.73
C ASN A 219 -9.17 -2.38 17.24
N PRO A 220 -9.42 -3.48 17.95
CA PRO A 220 -9.39 -3.39 19.43
C PRO A 220 -8.06 -2.94 19.97
N ALA A 221 -6.96 -3.39 19.37
CA ALA A 221 -5.64 -2.99 19.84
C ALA A 221 -5.34 -1.52 19.58
N ASN A 222 -6.16 -0.85 18.78
CA ASN A 222 -6.00 0.57 18.52
C ASN A 222 -6.89 1.42 19.42
N THR A 223 -7.42 0.84 20.50
CA THR A 223 -8.07 1.62 21.55
C THR A 223 -6.97 2.35 22.30
N MET A 224 -6.56 3.47 21.70
CA MET A 224 -5.28 4.10 21.98
C MET A 224 -5.35 5.18 23.06
N GLY A 225 -6.48 5.35 23.73
CA GLY A 225 -6.59 6.35 24.78
C GLY A 225 -6.86 7.73 24.24
N ASN A 226 -6.68 8.73 25.11
CA ASN A 226 -7.09 10.10 24.84
C ASN A 226 -6.10 11.12 25.39
N LEU A 227 -6.07 12.28 24.73
CA LEU A 227 -5.33 13.45 25.19
C LEU A 227 -6.32 14.52 25.61
N CYS A 228 -6.32 14.86 26.89
CA CYS A 228 -7.13 15.95 27.42
C CYS A 228 -6.23 17.14 27.68
N LEU A 229 -6.58 18.28 27.10
CA LEU A 229 -5.80 19.49 27.24
C LEU A 229 -6.66 20.58 27.86
N ARG A 230 -6.07 21.32 28.79
CA ARG A 230 -6.78 22.31 29.58
C ARG A 230 -5.95 23.58 29.68
N VAL A 231 -6.65 24.71 29.84
CA VAL A 231 -6.00 25.93 30.30
C VAL A 231 -6.04 25.93 31.82
N VAL A 232 -4.87 25.80 32.44
CA VAL A 232 -4.81 25.76 33.89
C VAL A 232 -5.26 27.08 34.49
N ASN A 233 -4.84 28.18 33.89
CA ASN A 233 -5.31 29.49 34.30
C ASN A 233 -6.83 29.53 34.22
N SER A 234 -7.45 30.11 35.24
CA SER A 234 -8.89 30.29 35.20
C SER A 234 -9.24 31.44 34.26
N TYR A 235 -10.53 31.57 33.98
CA TYR A 235 -10.98 32.45 32.92
C TYR A 235 -10.54 33.89 33.18
N GLN A 236 -10.16 34.58 32.11
CA GLN A 236 -9.89 36.00 32.17
C GLN A 236 -11.18 36.77 31.96
N PRO A 237 -11.17 38.08 32.21
CA PRO A 237 -12.36 38.88 31.94
C PRO A 237 -12.77 38.84 30.50
N VAL A 238 -11.82 38.57 29.61
CA VAL A 238 -12.10 38.59 28.18
C VAL A 238 -11.70 37.29 27.53
N GLN A 239 -12.24 37.15 26.35
CA GLN A 239 -12.08 35.99 25.49
C GLN A 239 -10.73 35.79 24.84
N TYR A 240 -10.45 34.54 24.52
CA TYR A 240 -9.30 34.10 23.77
C TYR A 240 -9.65 32.80 23.08
N THR A 241 -9.19 32.62 21.85
CA THR A 241 -9.39 31.37 21.14
C THR A 241 -8.07 30.61 21.13
N LEU A 242 -8.02 29.53 21.89
CA LEU A 242 -6.81 28.73 21.99
C LEU A 242 -6.89 27.61 20.96
N THR A 243 -5.92 27.57 20.06
CA THR A 243 -5.79 26.51 19.07
C THR A 243 -4.55 25.70 19.37
N VAL A 244 -4.72 24.39 19.48
CA VAL A 244 -3.62 23.48 19.79
C VAL A 244 -3.41 22.57 18.58
N ARG A 245 -2.21 22.62 18.02
CA ARG A 245 -1.80 21.72 16.97
C ARG A 245 -0.86 20.68 17.55
N VAL A 246 -1.18 19.42 17.32
CA VAL A 246 -0.39 18.29 17.82
C VAL A 246 0.33 17.68 16.63
N TYR A 247 1.65 17.60 16.75
CA TYR A 247 2.50 17.06 15.70
C TYR A 247 3.11 15.78 16.20
N MET A 248 3.16 14.75 15.36
CA MET A 248 3.50 13.42 15.80
C MET A 248 4.58 12.87 14.89
N LYS A 249 5.61 12.28 15.48
CA LYS A 249 6.81 11.87 14.77
C LYS A 249 7.15 10.43 15.10
N PRO A 250 6.89 9.48 14.22
CA PRO A 250 7.30 8.10 14.49
C PRO A 250 8.81 7.99 14.65
N LYS A 251 9.22 7.16 15.60
CA LYS A 251 10.62 6.88 15.85
C LYS A 251 10.83 5.38 15.91
N HIS A 252 11.99 4.93 15.45
CA HIS A 252 12.33 3.51 15.48
C HIS A 252 11.29 2.69 14.73
N ILE A 253 10.89 3.17 13.56
CA ILE A 253 9.80 2.56 12.83
C ILE A 253 10.23 1.19 12.33
N LYS A 254 9.26 0.28 12.27
CA LYS A 254 9.45 -1.03 11.65
C LYS A 254 8.15 -1.38 10.95
N ALA A 255 8.22 -1.49 9.64
CA ALA A 255 7.06 -1.54 8.78
C ALA A 255 7.00 -2.86 8.06
N TRP A 256 5.79 -3.35 7.84
CA TRP A 256 5.55 -4.64 7.23
C TRP A 256 4.50 -4.52 6.14
N ALA A 257 4.62 -5.38 5.14
CA ALA A 257 3.57 -5.60 4.15
C ALA A 257 3.14 -4.30 3.49
N PRO A 258 3.93 -3.76 2.56
CA PRO A 258 3.53 -2.53 1.90
C PRO A 258 2.15 -2.65 1.26
N ARG A 259 1.60 -1.51 0.90
CA ARG A 259 0.20 -1.39 0.53
C ARG A 259 0.04 -0.74 -0.83
N ALA A 260 -1.11 -0.98 -1.43
CA ALA A 260 -1.55 -0.20 -2.56
C ALA A 260 -1.90 1.20 -2.07
N PRO A 261 -1.26 2.24 -2.60
CA PRO A 261 -1.50 3.58 -2.06
C PRO A 261 -2.94 4.02 -2.25
N ARG A 262 -3.42 4.79 -1.27
CA ARG A 262 -4.73 5.39 -1.37
C ARG A 262 -4.80 6.33 -2.56
N THR A 263 -5.89 6.24 -3.30
CA THR A 263 -6.18 7.14 -4.41
C THR A 263 -7.42 7.98 -4.16
N MET A 264 -8.42 7.41 -3.54
CA MET A 264 -9.62 8.17 -3.23
C MET A 264 -9.40 9.03 -1.99
N PRO A 265 -10.09 10.15 -1.91
CA PRO A 265 -10.04 10.97 -0.71
C PRO A 265 -10.64 10.25 0.49
N TYR A 266 -10.14 10.57 1.66
CA TYR A 266 -10.74 10.09 2.89
C TYR A 266 -11.94 10.95 3.25
N THR A 267 -13.02 10.30 3.66
CA THR A 267 -14.24 10.97 4.07
C THR A 267 -14.45 10.97 5.57
N ASN A 268 -13.68 10.18 6.32
CA ASN A 268 -13.89 10.03 7.74
C ASN A 268 -12.74 9.23 8.32
N ILE A 269 -12.74 9.09 9.64
CA ILE A 269 -11.67 8.36 10.32
C ILE A 269 -12.10 6.98 10.81
N LEU A 270 -13.40 6.66 10.76
CA LEU A 270 -13.86 5.38 11.25
C LEU A 270 -13.76 4.28 10.21
N ASN A 271 -13.57 4.63 8.94
CA ASN A 271 -13.46 3.63 7.89
C ASN A 271 -12.72 4.22 6.71
N ASN A 272 -12.55 3.40 5.68
CA ASN A 272 -11.87 3.78 4.46
C ASN A 272 -12.82 3.94 3.28
N ASN A 273 -14.07 4.31 3.56
CA ASN A 273 -15.03 4.54 2.50
C ASN A 273 -14.64 5.76 1.68
N TYR A 274 -15.26 5.86 0.50
CA TYR A 274 -14.86 6.86 -0.47
C TYR A 274 -16.06 7.26 -1.31
N ALA A 275 -16.12 8.55 -1.63
CA ALA A 275 -17.07 9.07 -2.61
C ALA A 275 -16.42 9.39 -3.93
N GLY A 276 -15.17 9.82 -3.92
CA GLY A 276 -14.42 10.07 -5.12
C GLY A 276 -14.65 11.44 -5.73
N ARG A 277 -13.80 11.78 -6.70
CA ARG A 277 -13.95 12.97 -7.51
C ARG A 277 -15.14 12.86 -8.44
N SER A 278 -15.64 14.02 -8.86
CA SER A 278 -16.65 14.05 -9.92
C SER A 278 -16.06 13.56 -11.23
N ALA A 279 -14.83 13.95 -11.53
CA ALA A 279 -14.14 13.53 -12.74
C ALA A 279 -12.67 13.34 -12.43
N ALA A 280 -11.96 12.76 -13.38
CA ALA A 280 -10.54 12.53 -13.20
C ALA A 280 -9.82 13.86 -13.01
N PRO A 281 -8.68 13.89 -12.30
CA PRO A 281 -8.01 12.75 -11.67
C PRO A 281 -8.64 12.31 -10.35
N ASN A 282 -8.42 11.04 -9.99
CA ASN A 282 -8.87 10.48 -8.72
C ASN A 282 -10.38 10.36 -8.66
N ALA A 283 -11.01 10.03 -9.78
CA ALA A 283 -12.39 9.60 -9.77
C ALA A 283 -12.46 8.09 -9.62
N PRO A 284 -13.59 7.57 -9.14
CA PRO A 284 -13.70 6.11 -8.98
C PRO A 284 -13.54 5.35 -10.27
N THR A 285 -13.95 5.91 -11.40
CA THR A 285 -13.78 5.28 -12.69
C THR A 285 -12.53 5.74 -13.43
N ALA A 286 -11.82 6.74 -12.90
CA ALA A 286 -10.67 7.32 -13.60
C ALA A 286 -9.75 7.96 -12.56
N ILE A 287 -8.67 7.26 -12.23
CA ILE A 287 -7.71 7.78 -11.26
C ILE A 287 -6.76 8.76 -11.94
N VAL A 288 -6.23 8.39 -13.09
CA VAL A 288 -5.34 9.26 -13.85
C VAL A 288 -6.17 10.11 -14.79
N SER A 289 -5.75 11.35 -14.99
CA SER A 289 -6.48 12.25 -15.89
C SER A 289 -6.38 11.77 -17.32
N HIS A 290 -7.25 12.32 -18.16
CA HIS A 290 -7.47 11.78 -19.49
C HIS A 290 -6.48 12.35 -20.51
N ARG A 291 -6.36 11.63 -21.61
CA ARG A 291 -5.78 12.13 -22.84
C ARG A 291 -6.68 11.68 -23.98
N SER A 292 -6.60 12.39 -25.11
CA SER A 292 -7.55 12.16 -26.19
C SER A 292 -7.47 10.73 -26.72
N THR A 293 -6.27 10.23 -26.97
CA THR A 293 -6.10 8.87 -27.44
C THR A 293 -4.82 8.29 -26.85
N ILE A 294 -4.70 6.97 -26.91
CA ILE A 294 -3.49 6.29 -26.47
C ILE A 294 -2.30 6.64 -27.35
N LYS A 295 -2.52 7.32 -28.46
CA LYS A 295 -1.48 7.79 -29.34
C LYS A 295 -1.21 9.28 -29.19
N THR A 296 -1.77 9.90 -28.16
CA THR A 296 -1.69 11.33 -27.97
C THR A 296 -0.65 11.66 -26.92
N MET A 297 0.14 12.69 -27.20
CA MET A 297 1.09 13.24 -26.24
C MET A 297 0.57 14.55 -25.69
N PRO A 298 0.11 14.60 -24.44
CA PRO A 298 -0.37 15.86 -23.89
C PRO A 298 0.72 16.93 -23.83
N ASN A 299 1.97 16.53 -23.64
CA ASN A 299 3.09 17.46 -23.56
C ASN A 299 4.12 17.17 -24.64
N ASP A 300 3.64 16.94 -25.88
CA ASP A 300 4.54 16.70 -26.98
C ASP A 300 5.40 17.93 -27.24
N ILE A 301 6.67 17.70 -27.57
CA ILE A 301 7.59 18.80 -27.79
C ILE A 301 7.53 19.22 -29.25
N ASN A 302 7.16 20.49 -29.46
CA ASN A 302 6.87 21.02 -30.78
C ASN A 302 7.91 22.06 -31.14
N LEU A 303 8.51 21.90 -32.32
CA LEU A 303 9.56 22.80 -32.77
C LEU A 303 9.24 23.35 -34.16
N ASP B 11 9.26 -24.83 -12.77
CA ASP B 11 8.75 -25.55 -13.97
C ASP B 11 7.25 -25.28 -14.03
N ARG B 12 6.55 -25.96 -14.95
CA ARG B 12 5.11 -25.74 -15.03
C ARG B 12 4.29 -26.85 -14.41
N VAL B 13 4.74 -28.08 -14.44
CA VAL B 13 3.98 -29.17 -13.87
C VAL B 13 4.25 -29.21 -12.39
N LEU B 14 3.17 -29.31 -11.61
CA LEU B 14 3.25 -29.17 -10.17
C LEU B 14 2.27 -30.12 -9.52
N GLN B 15 2.65 -30.67 -8.37
CA GLN B 15 1.75 -31.48 -7.59
C GLN B 15 1.82 -31.02 -6.15
N LEU B 16 0.66 -30.83 -5.54
CA LEU B 16 0.55 -30.40 -4.15
C LEU B 16 -0.15 -31.51 -3.37
N LYS B 17 0.58 -32.16 -2.48
CA LYS B 17 0.05 -33.25 -1.66
C LYS B 17 -0.03 -32.79 -0.22
N LEU B 18 -1.25 -32.58 0.26
CA LEU B 18 -1.48 -32.17 1.65
C LEU B 18 -2.51 -33.11 2.26
N GLY B 19 -2.07 -33.91 3.23
CA GLY B 19 -2.98 -34.84 3.88
C GLY B 19 -3.61 -35.78 2.87
N ASN B 20 -4.93 -35.91 2.97
CA ASN B 20 -5.67 -36.70 2.00
C ASN B 20 -5.51 -36.17 0.59
N SER B 21 -5.42 -34.86 0.46
CA SER B 21 -5.58 -34.20 -0.82
C SER B 21 -4.33 -34.28 -1.67
N SER B 22 -4.54 -34.11 -2.98
CA SER B 22 -3.45 -34.07 -3.94
C SER B 22 -3.94 -33.35 -5.18
N ILE B 23 -3.37 -32.19 -5.46
CA ILE B 23 -3.71 -31.40 -6.62
C ILE B 23 -2.56 -31.47 -7.61
N VAL B 24 -2.86 -31.81 -8.85
CA VAL B 24 -1.90 -31.78 -9.95
C VAL B 24 -2.31 -30.67 -10.91
N THR B 25 -1.33 -30.04 -11.51
CA THR B 25 -1.57 -29.10 -12.58
C THR B 25 -0.40 -29.17 -13.56
N GLN B 26 -0.73 -29.25 -14.84
CA GLN B 26 0.26 -29.34 -15.90
C GLN B 26 0.52 -28.01 -16.57
N GLU B 27 -0.21 -26.96 -16.20
CA GLU B 27 0.04 -25.61 -16.68
C GLU B 27 0.05 -24.72 -15.44
N ALA B 28 1.20 -24.66 -14.78
CA ALA B 28 1.39 -23.77 -13.65
C ALA B 28 2.50 -22.78 -13.93
N ALA B 29 2.38 -21.60 -13.34
CA ALA B 29 3.44 -20.61 -13.46
C ALA B 29 4.57 -20.92 -12.48
N ASN B 30 4.26 -20.92 -11.20
CA ASN B 30 5.18 -21.28 -10.13
C ASN B 30 4.37 -21.30 -8.85
N ILE B 31 5.04 -21.44 -7.72
CA ILE B 31 4.42 -21.28 -6.42
C ILE B 31 4.84 -19.94 -5.85
N CYS B 32 3.87 -19.08 -5.55
CA CYS B 32 4.15 -17.81 -4.91
C CYS B 32 4.12 -17.99 -3.40
N CYS B 33 5.26 -17.76 -2.75
CA CYS B 33 5.35 -17.77 -1.31
C CYS B 33 5.28 -16.32 -0.85
N ALA B 34 4.17 -15.96 -0.23
CA ALA B 34 3.95 -14.58 0.18
C ALA B 34 5.09 -14.08 1.03
N TYR B 35 5.73 -13.01 0.58
CA TYR B 35 6.81 -12.37 1.30
C TYR B 35 7.95 -13.32 1.60
N GLY B 36 8.07 -14.38 0.80
CA GLY B 36 9.12 -15.34 0.95
C GLY B 36 8.96 -16.27 2.13
N GLU B 37 7.81 -16.31 2.77
CA GLU B 37 7.66 -17.14 3.95
C GLU B 37 6.95 -18.44 3.59
N TRP B 38 6.99 -19.36 4.54
CA TRP B 38 6.45 -20.70 4.46
C TRP B 38 5.81 -21.01 5.80
N PRO B 39 4.51 -21.29 5.86
CA PRO B 39 3.84 -21.39 7.16
C PRO B 39 4.56 -22.31 8.13
N THR B 40 4.71 -21.84 9.35
CA THR B 40 5.34 -22.58 10.43
C THR B 40 4.40 -22.58 11.62
N TYR B 41 4.63 -23.52 12.53
CA TYR B 41 3.94 -23.50 13.80
C TYR B 41 4.49 -22.41 14.70
N LEU B 42 3.70 -22.01 15.67
CA LEU B 42 4.07 -20.90 16.53
C LEU B 42 5.26 -21.29 17.41
N PRO B 43 6.35 -20.54 17.40
CA PRO B 43 7.47 -20.87 18.29
C PRO B 43 7.13 -20.62 19.76
N ASP B 44 7.89 -21.28 20.62
CA ASP B 44 7.68 -21.16 22.05
C ASP B 44 7.94 -19.74 22.55
N ASN B 45 8.95 -19.08 21.98
CA ASN B 45 9.31 -17.72 22.38
C ASN B 45 8.39 -16.66 21.80
N GLU B 46 7.51 -17.02 20.87
CA GLU B 46 6.50 -16.11 20.36
C GLU B 46 5.11 -16.39 20.91
N ALA B 47 4.96 -17.46 21.68
CA ALA B 47 3.64 -17.86 22.17
C ALA B 47 3.17 -16.94 23.29
N VAL B 48 1.86 -16.90 23.46
CA VAL B 48 1.22 -16.06 24.46
C VAL B 48 0.32 -16.93 25.31
N ALA B 49 -0.56 -17.68 24.66
CA ALA B 49 -1.48 -18.56 25.37
C ALA B 49 -0.71 -19.73 25.96
N ILE B 50 -0.89 -19.95 27.27
CA ILE B 50 -0.13 -20.97 27.96
C ILE B 50 -0.73 -22.34 27.80
N ASP B 51 -2.05 -22.42 27.59
CA ASP B 51 -2.69 -23.71 27.43
C ASP B 51 -2.15 -24.42 26.20
N LYS B 52 -2.07 -25.72 26.29
CA LYS B 52 -1.47 -26.53 25.25
C LYS B 52 -2.28 -26.53 23.96
N PRO B 53 -1.66 -26.27 22.82
CA PRO B 53 -2.41 -26.25 21.56
C PRO B 53 -2.63 -27.63 20.98
N THR B 54 -3.66 -27.71 20.16
CA THR B 54 -3.96 -28.90 19.40
C THR B 54 -3.51 -28.67 17.96
N GLN B 55 -2.77 -29.65 17.43
CA GLN B 55 -2.20 -29.57 16.09
C GLN B 55 -2.66 -30.81 15.34
N PRO B 56 -3.82 -30.76 14.68
CA PRO B 56 -4.35 -31.97 14.02
C PRO B 56 -3.47 -32.50 12.91
N GLU B 57 -2.98 -31.63 12.02
CA GLU B 57 -1.94 -31.90 11.04
C GLU B 57 -2.39 -32.70 9.82
N THR B 58 -3.58 -33.30 9.83
CA THR B 58 -4.07 -33.94 8.61
C THR B 58 -5.56 -33.73 8.43
N SER B 59 -6.31 -33.54 9.51
CA SER B 59 -7.74 -33.33 9.39
C SER B 59 -8.08 -31.90 9.07
N THR B 60 -7.11 -31.00 9.22
CA THR B 60 -7.25 -29.58 8.87
C THR B 60 -6.33 -29.18 7.74
N ASP B 61 -5.09 -29.65 7.76
CA ASP B 61 -4.07 -29.23 6.80
C ASP B 61 -4.27 -30.05 5.53
N ARG B 62 -5.26 -29.65 4.75
CA ARG B 62 -5.65 -30.34 3.53
C ARG B 62 -6.44 -29.38 2.67
N PHE B 63 -6.56 -29.74 1.39
CA PHE B 63 -7.20 -28.87 0.42
C PHE B 63 -8.71 -28.94 0.57
N TYR B 64 -9.33 -27.78 0.80
CA TYR B 64 -10.76 -27.62 0.80
C TYR B 64 -11.16 -26.85 -0.44
N THR B 65 -11.88 -27.51 -1.34
CA THR B 65 -12.26 -26.94 -2.63
C THR B 65 -13.61 -26.26 -2.48
N LEU B 66 -13.64 -24.96 -2.69
CA LEU B 66 -14.86 -24.18 -2.56
C LEU B 66 -15.65 -24.17 -3.86
N LYS B 67 -16.83 -23.58 -3.78
CA LYS B 67 -17.73 -23.53 -4.92
C LYS B 67 -17.08 -22.77 -6.08
N SER B 68 -17.47 -23.12 -7.29
CA SER B 68 -16.89 -22.50 -8.46
C SER B 68 -17.71 -21.29 -8.89
N LYS B 69 -17.02 -20.31 -9.45
CA LYS B 69 -17.61 -19.09 -9.95
C LYS B 69 -17.55 -19.10 -11.46
N LYS B 70 -18.59 -18.58 -12.09
CA LYS B 70 -18.65 -18.51 -13.54
C LYS B 70 -17.99 -17.23 -14.01
N TRP B 71 -17.02 -17.35 -14.92
CA TRP B 71 -16.31 -16.21 -15.44
C TRP B 71 -17.06 -15.66 -16.65
N GLU B 72 -17.77 -14.56 -16.46
CA GLU B 72 -18.45 -13.90 -17.55
C GLU B 72 -17.51 -12.93 -18.26
N SER B 73 -17.94 -12.47 -19.43
CA SER B 73 -17.20 -11.44 -20.15
C SER B 73 -17.31 -10.09 -19.47
N ASN B 74 -18.17 -9.96 -18.46
CA ASN B 74 -18.35 -8.71 -17.73
C ASN B 74 -18.11 -8.86 -16.24
N SER B 75 -17.41 -9.91 -15.82
CA SER B 75 -17.24 -10.16 -14.40
C SER B 75 -16.27 -9.16 -13.79
N THR B 76 -16.65 -8.61 -12.63
CA THR B 76 -15.82 -7.65 -11.94
C THR B 76 -14.70 -8.30 -11.14
N GLY B 77 -14.96 -9.46 -10.56
CA GLY B 77 -14.01 -10.13 -9.71
C GLY B 77 -14.66 -10.66 -8.44
N TRP B 78 -13.94 -11.58 -7.81
CA TRP B 78 -14.40 -12.26 -6.62
C TRP B 78 -13.34 -12.21 -5.54
N TRP B 79 -13.79 -12.21 -4.29
CA TRP B 79 -12.90 -12.32 -3.16
C TRP B 79 -13.43 -13.32 -2.16
N TRP B 80 -12.51 -14.07 -1.56
CA TRP B 80 -12.79 -14.98 -0.47
C TRP B 80 -11.93 -14.56 0.71
N LYS B 81 -12.54 -14.44 1.88
CA LYS B 81 -11.83 -14.03 3.07
C LYS B 81 -11.48 -15.25 3.92
N LEU B 82 -10.27 -15.24 4.46
CA LEU B 82 -9.76 -16.33 5.25
C LEU B 82 -9.51 -15.84 6.66
N PRO B 83 -9.81 -16.63 7.70
CA PRO B 83 -10.30 -18.02 7.65
C PRO B 83 -11.79 -18.16 7.37
N ASP B 84 -12.51 -17.04 7.32
CA ASP B 84 -13.96 -17.04 7.14
C ASP B 84 -14.45 -18.06 6.13
N ALA B 85 -13.80 -18.15 4.98
CA ALA B 85 -14.24 -19.05 3.93
C ALA B 85 -14.26 -20.51 4.38
N LEU B 86 -13.37 -20.89 5.30
CA LEU B 86 -13.27 -22.27 5.74
C LEU B 86 -13.83 -22.52 7.13
N ASN B 87 -14.52 -21.55 7.72
CA ASN B 87 -14.89 -21.66 9.13
C ASN B 87 -16.03 -22.65 9.37
N GLN B 88 -16.56 -23.25 8.32
CA GLN B 88 -17.64 -24.23 8.44
C GLN B 88 -17.34 -25.50 7.67
N ILE B 89 -16.14 -25.63 7.13
CA ILE B 89 -15.78 -26.69 6.22
C ILE B 89 -14.83 -27.63 6.95
N GLY B 90 -15.30 -28.83 7.23
CA GLY B 90 -14.47 -29.88 7.77
C GLY B 90 -14.07 -29.68 9.23
N MET B 91 -13.11 -30.51 9.63
CA MET B 91 -12.58 -30.45 10.98
C MET B 91 -11.86 -29.14 11.23
N PHE B 92 -11.48 -28.42 10.18
CA PHE B 92 -10.96 -27.08 10.35
C PHE B 92 -12.01 -26.18 10.99
N GLY B 93 -13.21 -26.16 10.42
CA GLY B 93 -14.27 -25.34 10.99
C GLY B 93 -14.65 -25.79 12.38
N GLN B 94 -14.55 -27.09 12.65
CA GLN B 94 -14.99 -27.60 13.95
C GLN B 94 -13.90 -27.49 15.00
N ASN B 95 -12.67 -27.19 14.58
CA ASN B 95 -11.65 -26.79 15.54
C ASN B 95 -11.73 -25.30 15.81
N VAL B 96 -12.18 -24.53 14.82
CA VAL B 96 -12.40 -23.11 15.03
C VAL B 96 -13.57 -22.87 15.95
N GLN B 97 -14.68 -23.59 15.72
CA GLN B 97 -15.87 -23.39 16.52
C GLN B 97 -15.64 -23.75 17.98
N TYR B 98 -14.91 -24.83 18.24
CA TYR B 98 -14.70 -25.31 19.60
C TYR B 98 -13.51 -24.65 20.29
N HIS B 99 -12.79 -23.76 19.61
CA HIS B 99 -11.63 -23.10 20.18
C HIS B 99 -11.76 -21.59 20.04
N TYR B 100 -11.40 -20.87 21.10
CA TYR B 100 -11.38 -19.43 21.07
C TYR B 100 -10.35 -18.91 20.09
N LEU B 101 -9.18 -19.53 20.07
CA LEU B 101 -8.03 -18.99 19.38
C LEU B 101 -7.66 -19.84 18.18
N TYR B 102 -7.06 -19.18 17.20
CA TYR B 102 -6.72 -19.76 15.92
C TYR B 102 -5.42 -19.18 15.39
N ARG B 103 -4.64 -20.06 14.75
CA ARG B 103 -3.49 -19.64 13.96
C ARG B 103 -3.26 -20.68 12.87
N SER B 104 -3.10 -20.21 11.63
CA SER B 104 -2.67 -21.08 10.55
C SER B 104 -2.23 -20.23 9.37
N GLY B 105 -1.47 -20.86 8.49
CA GLY B 105 -1.26 -20.35 7.16
C GLY B 105 -2.16 -21.04 6.17
N PHE B 106 -2.17 -20.51 4.95
CA PHE B 106 -3.02 -21.02 3.90
C PHE B 106 -2.24 -21.18 2.61
N LEU B 107 -2.56 -22.23 1.88
CA LEU B 107 -2.13 -22.42 0.51
C LEU B 107 -3.36 -22.32 -0.37
N CYS B 108 -3.41 -21.29 -1.20
CA CYS B 108 -4.55 -21.04 -2.07
C CYS B 108 -4.19 -21.42 -3.51
N HIS B 109 -5.00 -22.29 -4.09
CA HIS B 109 -4.83 -22.75 -5.46
C HIS B 109 -6.08 -22.39 -6.25
N VAL B 110 -5.91 -21.58 -7.29
CA VAL B 110 -7.02 -21.13 -8.12
C VAL B 110 -6.94 -21.85 -9.44
N GLN B 111 -8.09 -22.30 -9.93
CA GLN B 111 -8.17 -23.10 -11.15
C GLN B 111 -9.04 -22.39 -12.16
N CYS B 112 -8.56 -22.31 -13.39
CA CYS B 112 -9.34 -21.77 -14.50
C CYS B 112 -8.74 -22.30 -15.79
N ASN B 113 -9.52 -23.07 -16.52
CA ASN B 113 -9.09 -23.63 -17.79
C ASN B 113 -9.83 -22.94 -18.92
N ALA B 114 -9.22 -22.91 -20.09
CA ALA B 114 -9.89 -22.51 -21.30
C ALA B 114 -9.07 -22.99 -22.49
N THR B 115 -9.69 -23.01 -23.65
CA THR B 115 -9.01 -23.50 -24.83
C THR B 115 -7.88 -22.56 -25.22
N LYS B 116 -7.03 -23.06 -26.10
CA LYS B 116 -5.98 -22.22 -26.69
C LYS B 116 -6.56 -21.14 -27.58
N PHE B 117 -7.85 -21.23 -27.91
CA PHE B 117 -8.51 -20.19 -28.67
C PHE B 117 -9.16 -19.14 -27.78
N HIS B 118 -9.12 -19.33 -26.47
CA HIS B 118 -9.67 -18.36 -25.54
C HIS B 118 -8.57 -17.44 -25.02
N GLN B 119 -8.98 -16.23 -24.66
CA GLN B 119 -8.07 -15.24 -24.11
C GLN B 119 -8.67 -14.66 -22.84
N GLY B 120 -7.78 -14.32 -21.91
CA GLY B 120 -8.20 -13.78 -20.65
C GLY B 120 -7.04 -13.71 -19.69
N THR B 121 -7.26 -12.99 -18.60
CA THR B 121 -6.23 -12.79 -17.60
C THR B 121 -6.88 -12.53 -16.25
N LEU B 122 -6.54 -13.34 -15.27
CA LEU B 122 -6.99 -13.16 -13.90
C LEU B 122 -5.81 -12.76 -13.04
N LEU B 123 -5.99 -11.72 -12.25
CA LEU B 123 -5.04 -11.41 -11.19
C LEU B 123 -5.54 -12.04 -9.90
N ILE B 124 -4.74 -12.97 -9.37
CA ILE B 124 -5.05 -13.65 -8.12
C ILE B 124 -4.21 -13.00 -7.04
N VAL B 125 -4.85 -12.19 -6.20
CA VAL B 125 -4.17 -11.40 -5.19
C VAL B 125 -4.56 -11.92 -3.82
N ALA B 126 -3.57 -12.04 -2.94
CA ALA B 126 -3.82 -12.30 -1.52
C ALA B 126 -3.44 -11.05 -0.75
N ILE B 127 -4.47 -10.34 -0.28
CA ILE B 127 -4.30 -9.04 0.36
C ILE B 127 -4.34 -9.24 1.86
N PRO B 128 -3.37 -8.73 2.62
CA PRO B 128 -3.46 -8.80 4.07
C PRO B 128 -4.27 -7.65 4.64
N GLU B 129 -5.15 -7.98 5.58
CA GLU B 129 -5.97 -6.99 6.27
C GLU B 129 -6.69 -6.10 5.26
N HIS B 130 -7.38 -6.73 4.31
CA HIS B 130 -8.11 -6.03 3.26
C HIS B 130 -9.40 -5.48 3.86
N GLN B 131 -9.30 -4.26 4.37
CA GLN B 131 -10.46 -3.58 4.92
C GLN B 131 -11.28 -3.01 3.78
N ILE B 132 -12.52 -3.47 3.67
CA ILE B 132 -13.37 -3.12 2.53
C ILE B 132 -13.98 -1.74 2.79
N GLY B 133 -13.59 -0.77 1.97
CA GLY B 133 -14.20 0.54 1.99
C GLY B 133 -15.31 0.58 0.97
N LYS B 134 -16.36 1.33 1.28
CA LYS B 134 -17.56 1.25 0.48
C LYS B 134 -17.90 2.61 -0.12
N LYS B 135 -18.52 2.57 -1.29
CA LYS B 135 -18.64 3.75 -2.13
C LYS B 135 -19.97 4.45 -1.93
N GLY B 136 -19.90 5.77 -1.71
CA GLY B 136 -21.09 6.58 -1.64
C GLY B 136 -21.79 6.58 -0.30
N THR B 137 -21.14 6.09 0.75
CA THR B 137 -21.74 6.05 2.07
C THR B 137 -20.66 6.19 3.12
N GLY B 138 -21.01 6.87 4.21
CA GLY B 138 -20.11 6.98 5.34
C GLY B 138 -20.23 5.85 6.33
N THR B 139 -21.21 4.98 6.17
CA THR B 139 -21.42 3.88 7.11
C THR B 139 -20.52 2.70 6.74
N SER B 140 -19.91 2.10 7.75
CA SER B 140 -18.97 1.02 7.53
C SER B 140 -19.70 -0.22 7.03
N ALA B 141 -18.95 -1.08 6.35
CA ALA B 141 -19.51 -2.32 5.83
C ALA B 141 -20.11 -3.15 6.95
N SER B 142 -21.28 -3.71 6.68
CA SER B 142 -21.97 -4.51 7.68
C SER B 142 -21.34 -5.89 7.81
N PHE B 143 -21.76 -6.61 8.84
CA PHE B 143 -21.23 -7.95 9.08
C PHE B 143 -21.58 -8.89 7.93
N ALA B 144 -22.81 -8.79 7.42
CA ALA B 144 -23.23 -9.65 6.32
C ALA B 144 -22.45 -9.37 5.05
N GLU B 145 -22.25 -8.10 4.70
CA GLU B 145 -21.58 -7.77 3.45
C GLU B 145 -20.11 -8.13 3.49
N VAL B 146 -19.54 -8.37 4.66
CA VAL B 146 -18.14 -8.74 4.78
C VAL B 146 -17.99 -10.24 4.97
N MET B 147 -18.87 -10.85 5.76
CA MET B 147 -18.71 -12.25 6.12
C MET B 147 -19.68 -13.13 5.35
N LYS B 148 -19.14 -13.68 4.26
CA LYS B 148 -19.91 -14.46 3.31
C LYS B 148 -19.48 -15.92 3.28
N GLY B 149 -18.33 -16.22 3.86
CA GLY B 149 -17.89 -17.58 4.01
C GLY B 149 -17.50 -18.22 2.70
N ALA B 150 -17.81 -19.51 2.60
CA ALA B 150 -17.43 -20.29 1.42
C ALA B 150 -17.98 -19.67 0.15
N GLU B 151 -19.10 -18.96 0.24
CA GLU B 151 -19.69 -18.30 -0.90
C GLU B 151 -18.80 -17.20 -1.47
N GLY B 152 -18.10 -16.48 -0.61
CA GLY B 152 -17.25 -15.41 -1.06
C GLY B 152 -18.04 -14.18 -1.43
N GLY B 153 -17.33 -13.18 -1.93
CA GLY B 153 -17.91 -11.91 -2.32
C GLY B 153 -17.50 -11.50 -3.71
N VAL B 154 -18.16 -10.45 -4.18
CA VAL B 154 -17.97 -9.93 -5.53
C VAL B 154 -17.53 -8.48 -5.43
N PHE B 155 -16.56 -8.11 -6.26
CA PHE B 155 -16.04 -6.75 -6.28
C PHE B 155 -17.02 -5.81 -6.97
N GLU B 156 -17.58 -4.87 -6.22
CA GLU B 156 -18.24 -3.74 -6.87
C GLU B 156 -17.25 -2.92 -7.68
N GLN B 157 -16.09 -2.63 -7.08
CA GLN B 157 -15.06 -1.78 -7.67
C GLN B 157 -13.72 -2.49 -7.64
N PRO B 158 -13.49 -3.39 -8.59
CA PRO B 158 -12.17 -4.01 -8.72
C PRO B 158 -11.08 -3.00 -9.00
N TYR B 159 -11.43 -1.92 -9.71
CA TYR B 159 -10.45 -0.91 -10.08
C TYR B 159 -9.89 -0.21 -8.87
N LEU B 160 -10.61 -0.23 -7.75
CA LEU B 160 -10.14 0.31 -6.50
C LEU B 160 -10.04 -0.73 -5.40
N LEU B 161 -10.19 -2.01 -5.73
CA LEU B 161 -10.11 -3.11 -4.77
C LEU B 161 -11.15 -3.01 -3.67
N ASP B 162 -12.35 -2.56 -4.00
CA ASP B 162 -13.38 -2.29 -2.99
C ASP B 162 -12.78 -1.51 -1.83
N ASP B 163 -12.02 -0.49 -2.18
CA ASP B 163 -11.26 0.32 -1.24
C ASP B 163 -10.82 1.56 -2.00
N GLY B 164 -10.22 2.49 -1.29
CA GLY B 164 -9.77 3.71 -1.95
C GLY B 164 -8.42 3.55 -2.62
N THR B 165 -7.98 2.31 -2.72
CA THR B 165 -6.68 1.97 -3.28
C THR B 165 -6.84 1.68 -4.76
N SER B 166 -5.88 1.08 -5.44
CA SER B 166 -5.97 0.86 -6.88
C SER B 166 -5.59 -0.57 -7.19
N LEU B 167 -6.14 -1.07 -8.29
CA LEU B 167 -5.78 -2.40 -8.76
C LEU B 167 -4.40 -2.40 -9.41
N ALA B 168 -4.01 -1.26 -9.99
CA ALA B 168 -2.69 -1.17 -10.60
C ALA B 168 -1.59 -1.44 -9.59
N CYS B 169 -1.72 -0.89 -8.39
CA CYS B 169 -0.72 -1.06 -7.35
C CYS B 169 -0.98 -2.29 -6.48
N ALA B 170 -1.92 -3.14 -6.88
CA ALA B 170 -2.21 -4.36 -6.13
C ALA B 170 -1.09 -5.38 -6.22
N LEU B 171 -0.09 -5.15 -7.06
CA LEU B 171 0.98 -6.12 -7.22
C LEU B 171 2.02 -6.04 -6.11
N VAL B 172 1.88 -5.12 -5.16
CA VAL B 172 2.65 -5.21 -3.93
C VAL B 172 2.33 -6.49 -3.19
N TYR B 173 1.07 -6.91 -3.23
CA TYR B 173 0.62 -8.04 -2.47
C TYR B 173 1.05 -9.33 -3.16
N PRO B 174 1.17 -10.41 -2.40
CA PRO B 174 1.45 -11.72 -3.02
C PRO B 174 0.43 -12.03 -4.09
N HIS B 175 0.90 -12.23 -5.32
CA HIS B 175 0.00 -12.32 -6.45
C HIS B 175 0.54 -13.30 -7.47
N GLN B 176 -0.39 -13.83 -8.24
CA GLN B 176 -0.09 -14.57 -9.45
C GLN B 176 -1.18 -14.23 -10.47
N TRP B 177 -0.87 -14.45 -11.73
CA TRP B 177 -1.83 -14.30 -12.80
C TRP B 177 -2.21 -15.65 -13.36
N ILE B 178 -3.42 -15.74 -13.89
CA ILE B 178 -3.82 -16.83 -14.77
C ILE B 178 -4.07 -16.18 -16.13
N ASN B 179 -3.04 -16.18 -16.96
CA ASN B 179 -3.19 -15.82 -18.35
C ASN B 179 -3.37 -17.09 -19.16
N LEU B 180 -4.52 -17.22 -19.80
CA LEU B 180 -4.91 -18.49 -20.41
C LEU B 180 -3.96 -18.94 -21.50
N ARG B 181 -3.16 -18.03 -22.05
CA ARG B 181 -2.07 -18.44 -22.94
C ARG B 181 -1.09 -19.33 -22.23
N THR B 182 -0.72 -18.95 -21.00
CA THR B 182 0.43 -19.48 -20.28
C THR B 182 0.04 -20.40 -19.14
N ASN B 183 -1.13 -20.18 -18.55
CA ASN B 183 -1.43 -20.70 -17.23
C ASN B 183 -2.91 -21.03 -17.14
N ASN B 184 -3.21 -22.05 -16.34
CA ASN B 184 -4.58 -22.33 -15.95
C ASN B 184 -4.74 -22.43 -14.44
N SER B 185 -3.66 -22.33 -13.67
CA SER B 185 -3.73 -22.45 -12.23
C SER B 185 -2.71 -21.52 -11.60
N ALA B 186 -3.07 -20.96 -10.45
CA ALA B 186 -2.19 -20.12 -9.67
C ALA B 186 -2.16 -20.60 -8.23
N THR B 187 -0.98 -20.61 -7.64
CA THR B 187 -0.76 -21.11 -6.29
C THR B 187 -0.06 -20.04 -5.47
N ILE B 188 -0.63 -19.69 -4.33
CA ILE B 188 -0.05 -18.74 -3.40
C ILE B 188 0.01 -19.39 -2.03
N VAL B 189 1.19 -19.34 -1.42
CA VAL B 189 1.37 -19.82 -0.05
C VAL B 189 1.31 -18.62 0.88
N LEU B 190 0.37 -18.65 1.82
CA LEU B 190 0.14 -17.53 2.72
C LEU B 190 0.58 -17.90 4.12
N PRO B 191 1.55 -17.20 4.69
CA PRO B 191 1.92 -17.47 6.07
C PRO B 191 0.93 -16.86 7.05
N TRP B 192 1.21 -16.97 8.33
CA TRP B 192 0.43 -16.27 9.34
C TRP B 192 0.80 -14.80 9.27
N MET B 193 -0.19 -13.96 8.98
CA MET B 193 0.01 -12.55 8.72
C MET B 193 -0.83 -11.78 9.72
N ASN B 194 -0.23 -11.45 10.86
CA ASN B 194 -0.95 -10.71 11.89
C ASN B 194 0.06 -10.09 12.85
N SER B 195 -0.43 -9.12 13.60
CA SER B 195 0.34 -8.49 14.66
C SER B 195 0.25 -9.25 15.97
N ALA B 196 -0.53 -10.28 16.01
CA ALA B 196 -0.70 -11.14 17.16
C ALA B 196 -0.40 -12.58 16.78
N PRO B 197 0.09 -13.38 17.74
CA PRO B 197 0.37 -14.79 17.44
C PRO B 197 -0.88 -15.60 17.20
N MET B 198 -2.06 -15.07 17.47
CA MET B 198 -3.30 -15.78 17.24
C MET B 198 -4.37 -14.76 16.91
N ASP B 199 -5.58 -15.24 16.74
CA ASP B 199 -6.71 -14.37 16.50
C ASP B 199 -8.00 -15.17 16.63
N PHE B 200 -9.09 -14.46 16.92
CA PHE B 200 -10.42 -15.04 16.94
C PHE B 200 -10.90 -15.15 15.50
N ALA B 201 -11.01 -16.37 14.99
CA ALA B 201 -11.22 -16.56 13.55
C ALA B 201 -12.59 -16.11 13.10
N LEU B 202 -13.55 -16.00 14.01
CA LEU B 202 -14.92 -15.67 13.64
C LEU B 202 -15.15 -14.17 13.48
N ARG B 203 -14.20 -13.33 13.89
CA ARG B 203 -14.38 -11.89 13.82
C ARG B 203 -13.27 -11.15 13.09
N HIS B 204 -12.23 -11.83 12.63
CA HIS B 204 -11.15 -11.15 11.96
C HIS B 204 -10.55 -12.04 10.88
N ASN B 205 -10.36 -11.46 9.70
CA ASN B 205 -9.80 -12.15 8.55
C ASN B 205 -8.49 -11.49 8.18
N ASN B 206 -7.49 -12.30 7.88
CA ASN B 206 -6.14 -11.80 7.79
C ASN B 206 -5.62 -11.85 6.37
N TRP B 207 -6.18 -12.75 5.57
CA TRP B 207 -5.92 -12.79 4.14
C TRP B 207 -7.23 -12.71 3.39
N THR B 208 -7.26 -11.86 2.38
CA THR B 208 -8.34 -11.81 1.42
C THR B 208 -7.80 -12.27 0.08
N LEU B 209 -8.30 -13.39 -0.40
CA LEU B 209 -7.92 -13.90 -1.71
C LEU B 209 -8.85 -13.33 -2.76
N ALA B 210 -8.32 -12.49 -3.63
CA ALA B 210 -9.10 -11.80 -4.64
C ALA B 210 -8.74 -12.32 -6.03
N VAL B 211 -9.76 -12.64 -6.81
CA VAL B 211 -9.62 -13.07 -8.19
C VAL B 211 -10.30 -12.02 -9.04
N ILE B 212 -9.50 -11.30 -9.84
CA ILE B 212 -9.97 -10.13 -10.55
C ILE B 212 -9.62 -10.29 -12.02
N PRO B 213 -10.60 -10.27 -12.93
CA PRO B 213 -10.27 -10.21 -14.35
C PRO B 213 -9.78 -8.86 -14.78
N VAL B 214 -8.53 -8.80 -15.24
CA VAL B 214 -7.98 -7.57 -15.79
C VAL B 214 -8.25 -7.49 -17.28
N CYS B 215 -8.21 -8.62 -17.94
CA CYS B 215 -8.52 -8.73 -19.34
C CYS B 215 -9.65 -9.72 -19.53
N PRO B 216 -10.76 -9.33 -20.15
CA PRO B 216 -11.96 -10.17 -20.13
C PRO B 216 -11.75 -11.49 -20.85
N LEU B 217 -12.52 -12.48 -20.42
CA LEU B 217 -12.60 -13.75 -21.14
C LEU B 217 -13.29 -13.53 -22.46
N ALA B 218 -12.65 -13.96 -23.55
CA ALA B 218 -13.20 -13.77 -24.87
C ALA B 218 -12.77 -14.91 -25.76
N GLY B 219 -13.56 -15.14 -26.81
CA GLY B 219 -13.22 -16.12 -27.81
C GLY B 219 -13.69 -15.66 -29.17
N GLY B 220 -13.23 -16.39 -30.19
CA GLY B 220 -13.61 -16.10 -31.56
C GLY B 220 -14.90 -16.79 -31.95
N THR B 221 -15.16 -16.75 -33.25
CA THR B 221 -16.39 -17.32 -33.80
C THR B 221 -16.57 -18.76 -33.34
N GLY B 222 -17.64 -19.00 -32.59
CA GLY B 222 -17.96 -20.32 -32.10
C GLY B 222 -17.46 -20.61 -30.71
N ASN B 223 -16.42 -19.93 -30.26
CA ASN B 223 -15.87 -20.10 -28.93
C ASN B 223 -16.31 -19.00 -27.98
N THR B 224 -17.26 -18.18 -28.41
CA THR B 224 -17.83 -17.15 -27.54
C THR B 224 -18.78 -17.79 -26.54
N ASN B 225 -18.94 -17.12 -25.40
CA ASN B 225 -19.93 -17.51 -24.39
C ASN B 225 -19.69 -18.94 -23.91
N THR B 226 -18.42 -19.33 -23.83
CA THR B 226 -18.05 -20.61 -23.27
C THR B 226 -18.18 -20.57 -21.75
N TYR B 227 -18.62 -21.68 -21.17
CA TYR B 227 -18.82 -21.78 -19.72
C TYR B 227 -17.47 -22.08 -19.09
N VAL B 228 -16.84 -21.05 -18.53
CA VAL B 228 -15.50 -21.15 -17.95
C VAL B 228 -15.62 -20.89 -16.45
N PRO B 229 -15.61 -21.93 -15.62
CA PRO B 229 -15.68 -21.71 -14.17
C PRO B 229 -14.33 -21.35 -13.58
N ILE B 230 -14.38 -20.74 -12.40
CA ILE B 230 -13.19 -20.45 -11.61
C ILE B 230 -13.37 -21.12 -10.25
N THR B 231 -12.41 -21.98 -9.90
CA THR B 231 -12.50 -22.79 -8.71
C THR B 231 -11.37 -22.45 -7.76
N ILE B 232 -11.70 -22.35 -6.48
CA ILE B 232 -10.75 -22.04 -5.42
C ILE B 232 -10.58 -23.25 -4.53
N SER B 233 -9.34 -23.68 -4.34
CA SER B 233 -8.98 -24.69 -3.36
C SER B 233 -8.02 -24.08 -2.35
N ILE B 234 -8.37 -24.18 -1.08
CA ILE B 234 -7.60 -23.57 0.00
C ILE B 234 -7.23 -24.66 1.00
N ALA B 235 -5.96 -24.71 1.35
CA ALA B 235 -5.46 -25.64 2.34
C ALA B 235 -4.95 -24.89 3.56
N PRO B 236 -5.52 -25.09 4.74
CA PRO B 236 -4.86 -24.60 5.95
C PRO B 236 -3.49 -25.23 6.11
N MET B 237 -2.56 -24.48 6.68
CA MET B 237 -1.19 -24.92 6.77
C MET B 237 -0.69 -24.65 8.19
N CYS B 238 -0.18 -25.69 8.83
CA CYS B 238 0.33 -25.57 10.19
C CYS B 238 -0.70 -24.94 11.11
N ALA B 239 -1.92 -25.47 11.06
CA ALA B 239 -3.02 -24.93 11.84
C ALA B 239 -2.95 -25.42 13.28
N GLU B 240 -3.23 -24.51 14.21
CA GLU B 240 -3.26 -24.81 15.63
C GLU B 240 -4.32 -23.94 16.27
N TYR B 241 -4.99 -24.50 17.27
CA TYR B 241 -6.16 -23.90 17.89
C TYR B 241 -5.97 -23.93 19.40
N ASN B 242 -6.60 -22.97 20.07
CA ASN B 242 -6.43 -22.82 21.51
C ASN B 242 -7.65 -22.18 22.13
N GLY B 243 -7.80 -22.43 23.43
CA GLY B 243 -8.97 -22.00 24.16
C GLY B 243 -10.13 -22.94 23.93
N LEU B 244 -9.90 -24.22 24.18
CA LEU B 244 -10.93 -25.22 23.95
C LEU B 244 -12.14 -24.95 24.83
N ARG B 245 -13.30 -24.81 24.20
CA ARG B 245 -14.54 -24.59 24.90
C ARG B 245 -15.66 -25.19 24.06
N ASN B 246 -16.89 -24.81 24.36
CA ASN B 246 -18.02 -25.28 23.60
C ASN B 246 -18.05 -24.61 22.23
N ALA B 247 -18.83 -25.22 21.33
CA ALA B 247 -18.91 -24.74 19.96
C ALA B 247 -19.70 -23.44 19.90
N ILE B 248 -19.27 -22.55 19.00
CA ILE B 248 -19.86 -21.24 18.88
C ILE B 248 -20.37 -21.05 17.46
N GLY C 1 27.78 28.65 37.29
CA GLY C 1 27.29 27.60 36.37
C GLY C 1 28.10 27.49 35.10
N VAL C 2 27.69 26.58 34.21
CA VAL C 2 28.36 26.40 32.94
C VAL C 2 28.02 27.59 32.04
N PRO C 3 29.01 28.33 31.54
CA PRO C 3 28.70 29.42 30.62
C PRO C 3 28.03 28.91 29.36
N THR C 4 27.06 29.67 28.85
CA THR C 4 26.24 29.23 27.73
C THR C 4 25.73 30.43 26.96
N CYS C 5 25.67 30.28 25.63
CA CYS C 5 25.09 31.26 24.73
C CYS C 5 24.06 30.55 23.87
N LEU C 6 22.90 31.18 23.66
CA LEU C 6 21.83 30.50 22.95
C LEU C 6 21.78 30.92 21.50
N LEU C 7 22.12 30.01 20.62
CA LEU C 7 22.28 30.30 19.21
C LEU C 7 20.94 30.51 18.54
N PRO C 8 20.93 31.14 17.37
CA PRO C 8 19.70 31.18 16.59
C PRO C 8 19.22 29.79 16.24
N GLY C 9 17.91 29.63 16.17
CA GLY C 9 17.34 28.32 15.99
C GLY C 9 17.32 27.51 17.26
N SER C 10 17.25 28.18 18.41
CA SER C 10 17.30 27.47 19.68
C SER C 10 15.93 26.93 20.05
N ASN C 11 14.98 27.82 20.28
CA ASN C 11 13.71 27.48 20.91
C ASN C 11 12.69 26.93 19.92
N GLN C 12 13.07 26.76 18.67
CA GLN C 12 12.10 26.53 17.62
C GLN C 12 11.72 25.05 17.51
N PHE C 13 10.74 24.78 16.68
CA PHE C 13 10.28 23.44 16.32
C PHE C 13 10.51 23.20 14.84
N LEU C 14 11.53 22.40 14.55
CA LEU C 14 11.78 21.95 13.19
C LEU C 14 11.25 20.54 13.04
N THR C 15 10.30 20.34 12.13
CA THR C 15 9.62 19.06 12.02
C THR C 15 10.59 17.93 11.64
N THR C 16 11.76 18.26 11.10
CA THR C 16 12.74 17.28 10.71
C THR C 16 13.85 17.12 11.75
N ASP C 17 13.70 17.69 12.93
CA ASP C 17 14.73 17.55 13.94
C ASP C 17 14.88 16.09 14.33
N ASP C 18 15.96 15.79 15.07
CA ASP C 18 16.17 14.40 15.47
C ASP C 18 16.90 14.42 16.81
N HIS C 19 16.13 14.36 17.89
CA HIS C 19 16.66 14.40 19.24
C HIS C 19 15.90 13.41 20.12
N SER C 20 16.50 13.11 21.26
CA SER C 20 15.79 12.38 22.31
C SER C 20 14.82 13.31 23.02
N SER C 21 13.74 12.73 23.53
CA SER C 21 12.68 13.49 24.16
C SER C 21 12.22 12.76 25.41
N ALA C 22 11.56 13.49 26.30
CA ALA C 22 11.20 12.95 27.59
C ALA C 22 10.26 11.77 27.42
N PRO C 23 10.49 10.65 28.11
CA PRO C 23 9.55 9.54 28.05
C PRO C 23 8.37 9.78 28.98
N ALA C 24 7.16 9.71 28.42
CA ALA C 24 5.98 9.95 29.23
C ALA C 24 5.65 8.76 30.11
N PHE C 25 5.91 7.56 29.63
CA PHE C 25 5.66 6.35 30.41
C PHE C 25 6.99 5.74 30.83
N PRO C 26 7.55 6.20 31.94
CA PRO C 26 8.84 5.67 32.39
C PRO C 26 8.75 4.18 32.67
N ASP C 27 9.81 3.47 32.31
CA ASP C 27 9.97 2.04 32.52
C ASP C 27 8.93 1.22 31.78
N PHE C 28 8.32 1.78 30.73
CA PHE C 28 7.32 1.07 29.97
C PHE C 28 7.95 -0.11 29.24
N SER C 29 7.27 -1.25 29.29
CA SER C 29 7.71 -2.47 28.64
C SER C 29 6.87 -2.69 27.39
N PRO C 30 7.35 -2.34 26.21
CA PRO C 30 6.53 -2.54 25.01
C PRO C 30 6.39 -4.01 24.67
N THR C 31 5.34 -4.30 23.91
CA THR C 31 5.06 -5.68 23.57
C THR C 31 6.25 -6.29 22.84
N PRO C 32 6.59 -7.55 23.12
CA PRO C 32 7.78 -8.13 22.51
C PRO C 32 7.71 -8.13 20.99
N GLU C 33 8.88 -7.96 20.38
CA GLU C 33 8.97 -8.04 18.94
C GLU C 33 8.61 -9.43 18.45
N MET C 34 7.96 -9.47 17.32
CA MET C 34 7.40 -10.69 16.75
C MET C 34 7.64 -10.69 15.26
N HIS C 35 7.97 -11.86 14.73
CA HIS C 35 8.24 -11.95 13.31
C HIS C 35 6.95 -11.79 12.53
N ILE C 36 6.89 -10.76 11.71
CA ILE C 36 5.78 -10.54 10.79
C ILE C 36 6.34 -10.57 9.38
N PRO C 37 5.67 -11.22 8.43
CA PRO C 37 6.22 -11.26 7.07
C PRO C 37 6.23 -9.90 6.41
N GLY C 38 7.07 -9.77 5.39
CA GLY C 38 7.11 -8.59 4.56
C GLY C 38 7.62 -7.34 5.23
N GLN C 39 8.70 -7.44 6.00
CA GLN C 39 9.29 -6.26 6.60
C GLN C 39 9.95 -5.40 5.53
N VAL C 40 9.67 -4.11 5.57
CA VAL C 40 10.19 -3.14 4.63
C VAL C 40 11.20 -2.27 5.35
N HIS C 41 12.38 -2.12 4.78
CA HIS C 41 13.40 -1.25 5.33
C HIS C 41 13.62 0.00 4.50
N SER C 42 13.35 -0.06 3.20
CA SER C 42 13.51 1.07 2.30
C SER C 42 12.33 1.15 1.37
N MET C 43 12.03 2.37 0.93
CA MET C 43 11.01 2.57 -0.09
C MET C 43 11.49 2.20 -1.47
N LEU C 44 12.80 1.99 -1.63
CA LEU C 44 13.33 1.51 -2.91
C LEU C 44 13.03 0.03 -3.11
N GLU C 45 12.65 -0.66 -2.04
CA GLU C 45 12.18 -2.03 -2.18
C GLU C 45 10.82 -2.08 -2.84
N ILE C 46 10.02 -1.02 -2.70
CA ILE C 46 8.65 -1.04 -3.16
C ILE C 46 8.56 -0.61 -4.63
N VAL C 47 9.27 0.46 -4.99
CA VAL C 47 9.23 0.92 -6.36
C VAL C 47 9.84 -0.09 -7.31
N GLN C 48 10.56 -1.07 -6.78
CA GLN C 48 11.13 -2.14 -7.58
C GLN C 48 10.08 -3.16 -7.98
N ILE C 49 8.89 -3.06 -7.43
CA ILE C 49 7.80 -3.99 -7.73
C ILE C 49 7.02 -3.48 -8.92
N GLU C 50 6.71 -4.38 -9.84
CA GLU C 50 5.89 -4.01 -11.00
C GLU C 50 4.52 -3.53 -10.54
N SER C 51 3.93 -2.66 -11.36
CA SER C 51 2.60 -2.15 -11.10
C SER C 51 2.06 -1.58 -12.41
N MET C 52 0.77 -1.79 -12.65
CA MET C 52 0.19 -1.49 -13.94
C MET C 52 0.17 0.01 -14.21
N MET C 53 0.33 0.36 -15.48
CA MET C 53 0.16 1.72 -15.93
C MET C 53 -1.20 1.89 -16.60
N GLU C 54 -1.81 3.05 -16.39
CA GLU C 54 -3.04 3.42 -17.08
C GLU C 54 -2.68 3.99 -18.45
N ILE C 55 -2.25 3.08 -19.34
CA ILE C 55 -1.90 3.48 -20.69
C ILE C 55 -3.14 3.97 -21.43
N ASN C 56 -4.26 3.29 -21.26
CA ASN C 56 -5.53 3.70 -21.87
C ASN C 56 -6.27 4.70 -21.01
N ASN C 57 -5.58 5.75 -20.60
CA ASN C 57 -6.19 6.82 -19.82
C ASN C 57 -6.99 7.74 -20.73
N VAL C 58 -8.09 7.23 -21.27
CA VAL C 58 -8.92 7.98 -22.20
C VAL C 58 -10.31 8.12 -21.60
N ASN C 59 -11.04 9.11 -22.11
CA ASN C 59 -12.37 9.42 -21.56
C ASN C 59 -13.31 8.22 -21.68
N ASP C 60 -13.27 7.52 -22.81
CA ASP C 60 -14.22 6.43 -23.05
C ASP C 60 -13.94 5.19 -22.21
N ALA C 61 -12.80 5.11 -21.55
CA ALA C 61 -12.42 3.94 -20.78
C ALA C 61 -12.74 4.19 -19.31
N SER C 62 -13.35 3.19 -18.67
CA SER C 62 -13.77 3.29 -17.29
C SER C 62 -13.19 2.12 -16.50
N GLY C 63 -12.49 2.44 -15.43
CA GLY C 63 -12.01 1.40 -14.53
C GLY C 63 -10.93 0.55 -15.16
N VAL C 64 -11.13 -0.76 -15.06
CA VAL C 64 -10.10 -1.72 -15.47
C VAL C 64 -9.83 -1.64 -16.96
N GLU C 65 -10.73 -1.03 -17.74
CA GLU C 65 -10.46 -0.81 -19.15
C GLU C 65 -9.25 0.10 -19.36
N ARG C 66 -8.85 0.86 -18.34
CA ARG C 66 -7.74 1.77 -18.47
C ARG C 66 -6.39 1.09 -18.26
N LEU C 67 -6.38 -0.11 -17.71
CA LEU C 67 -5.14 -0.81 -17.41
C LEU C 67 -4.68 -1.70 -18.54
N ARG C 68 -5.44 -1.80 -19.62
CA ARG C 68 -5.15 -2.69 -20.73
C ARG C 68 -5.24 -1.92 -22.03
N VAL C 69 -4.20 -2.03 -22.85
CA VAL C 69 -4.18 -1.44 -24.17
C VAL C 69 -4.72 -2.46 -25.15
N GLN C 70 -5.49 -2.00 -26.12
CA GLN C 70 -6.26 -2.93 -26.95
C GLN C 70 -5.61 -3.03 -28.32
N ILE C 71 -5.29 -4.25 -28.73
CA ILE C 71 -4.48 -4.53 -29.90
C ILE C 71 -5.30 -5.35 -30.88
N SER C 72 -5.20 -5.01 -32.15
CA SER C 72 -5.99 -5.65 -33.17
C SER C 72 -5.11 -5.97 -34.36
N ALA C 73 -5.54 -6.93 -35.15
CA ALA C 73 -4.92 -7.18 -36.44
C ALA C 73 -5.06 -5.93 -37.31
N GLN C 74 -3.95 -5.52 -37.91
CA GLN C 74 -3.96 -4.34 -38.75
C GLN C 74 -4.14 -4.70 -40.21
N SER C 75 -4.83 -3.82 -40.94
CA SER C 75 -4.84 -3.87 -42.39
C SER C 75 -3.73 -3.03 -43.00
N ASP C 76 -3.03 -2.25 -42.18
CA ASP C 76 -1.87 -1.48 -42.58
C ASP C 76 -0.63 -2.08 -41.93
N MET C 77 0.51 -1.42 -42.14
CA MET C 77 1.79 -1.87 -41.63
C MET C 77 2.56 -0.71 -41.05
N ASP C 78 3.46 -1.02 -40.11
CA ASP C 78 4.30 -0.05 -39.44
C ASP C 78 3.51 0.94 -38.59
N GLN C 79 2.35 0.53 -38.08
CA GLN C 79 1.44 1.48 -37.44
C GLN C 79 1.72 1.60 -35.96
N LEU C 80 1.67 2.85 -35.48
CA LEU C 80 1.74 3.11 -34.05
C LEU C 80 0.50 2.57 -33.36
N LEU C 81 0.71 1.91 -32.23
CA LEU C 81 -0.37 1.34 -31.44
C LEU C 81 -0.67 2.17 -30.21
N PHE C 82 0.34 2.51 -29.44
CA PHE C 82 0.15 3.31 -28.25
C PHE C 82 1.45 3.96 -27.86
N ASN C 83 1.32 5.00 -27.05
CA ASN C 83 2.42 5.68 -26.39
C ASN C 83 2.19 5.80 -24.89
N ILE C 84 3.24 6.23 -24.21
CA ILE C 84 3.25 6.38 -22.76
C ILE C 84 4.02 7.66 -22.44
N PRO C 85 3.38 8.69 -21.94
CA PRO C 85 4.14 9.80 -21.35
C PRO C 85 4.87 9.39 -20.09
N LEU C 86 6.19 9.55 -20.09
CA LEU C 86 7.02 9.19 -18.95
C LEU C 86 6.97 10.22 -17.84
N ASP C 87 6.03 11.15 -17.89
CA ASP C 87 5.88 12.18 -16.87
C ASP C 87 5.28 11.57 -15.62
N ILE C 88 6.14 11.19 -14.68
CA ILE C 88 5.65 10.73 -13.38
C ILE C 88 4.92 11.85 -12.67
N GLN C 89 5.50 13.04 -12.64
CA GLN C 89 4.96 14.15 -11.89
C GLN C 89 3.57 14.54 -12.36
N LEU C 90 3.34 14.57 -13.66
CA LEU C 90 2.06 15.01 -14.19
C LEU C 90 1.10 13.82 -14.32
N GLU C 91 -0.15 14.15 -14.63
CA GLU C 91 -1.21 13.16 -14.70
C GLU C 91 -1.00 12.30 -15.93
N GLY C 92 -0.31 11.19 -15.76
CA GLY C 92 -0.06 10.27 -16.84
C GLY C 92 -0.15 8.84 -16.38
N PRO C 93 0.11 7.91 -17.29
CA PRO C 93 -0.02 6.49 -16.95
C PRO C 93 0.83 6.05 -15.78
N LEU C 94 2.01 6.66 -15.59
CA LEU C 94 2.92 6.22 -14.54
C LEU C 94 2.57 6.79 -13.18
N ARG C 95 1.59 7.69 -13.09
CA ARG C 95 1.25 8.28 -11.81
C ARG C 95 0.71 7.22 -10.84
N ASN C 96 -0.38 6.57 -11.24
CA ASN C 96 -1.03 5.54 -10.42
C ASN C 96 -0.22 4.24 -10.44
N THR C 97 1.01 4.35 -9.97
CA THR C 97 1.91 3.22 -9.82
C THR C 97 2.62 3.34 -8.48
N LEU C 98 3.18 2.21 -8.03
CA LEU C 98 4.03 2.25 -6.85
C LEU C 98 5.22 3.19 -7.08
N LEU C 99 5.85 3.07 -8.25
CA LEU C 99 6.90 3.98 -8.62
C LEU C 99 6.41 5.42 -8.59
N GLY C 100 5.25 5.67 -9.20
CA GLY C 100 4.69 7.00 -9.25
C GLY C 100 4.23 7.54 -7.92
N ASN C 101 3.46 6.75 -7.17
CA ASN C 101 2.95 7.21 -5.89
C ASN C 101 4.09 7.49 -4.92
N ILE C 102 5.01 6.55 -4.76
CA ILE C 102 6.07 6.70 -3.78
C ILE C 102 7.06 7.76 -4.22
N SER C 103 7.44 7.76 -5.49
CA SER C 103 8.40 8.75 -5.96
C SER C 103 7.84 10.16 -5.85
N ARG C 104 6.52 10.31 -5.90
CA ARG C 104 5.89 11.62 -5.83
C ARG C 104 5.92 12.21 -4.43
N TYR C 105 6.31 11.43 -3.43
CA TYR C 105 6.70 11.96 -2.14
C TYR C 105 8.09 12.54 -2.17
N TYR C 106 8.74 12.56 -3.33
CA TYR C 106 10.07 13.08 -3.51
C TYR C 106 10.09 14.05 -4.68
N THR C 107 11.15 14.84 -4.77
CA THR C 107 11.28 15.88 -5.77
C THR C 107 12.31 15.56 -6.84
N HIS C 108 13.37 14.86 -6.50
CA HIS C 108 14.39 14.48 -7.46
C HIS C 108 14.46 12.96 -7.55
N TRP C 109 14.93 12.48 -8.71
CA TRP C 109 15.05 11.06 -8.94
C TRP C 109 16.17 10.80 -9.92
N SER C 110 16.65 9.56 -9.90
CA SER C 110 17.60 9.08 -10.89
C SER C 110 17.51 7.57 -10.95
N GLY C 111 17.85 7.02 -12.09
CA GLY C 111 17.99 5.60 -12.27
C GLY C 111 17.16 5.08 -13.43
N SER C 112 17.50 3.85 -13.81
CA SER C 112 16.81 3.19 -14.91
C SER C 112 15.46 2.68 -14.46
N LEU C 113 14.51 2.69 -15.39
CA LEU C 113 13.21 2.07 -15.20
C LEU C 113 13.09 0.86 -16.11
N GLU C 114 12.13 -0.01 -15.77
CA GLU C 114 11.75 -1.11 -16.65
C GLU C 114 10.26 -1.07 -16.87
N MET C 115 9.85 -1.22 -18.13
CA MET C 115 8.48 -1.46 -18.50
C MET C 115 8.34 -2.90 -18.94
N THR C 116 7.39 -3.60 -18.35
CA THR C 116 7.07 -4.97 -18.72
C THR C 116 5.67 -4.99 -19.32
N PHE C 117 5.56 -5.57 -20.51
CA PHE C 117 4.29 -5.66 -21.23
C PHE C 117 3.93 -7.12 -21.41
N MET C 118 2.76 -7.50 -20.91
CA MET C 118 2.31 -8.88 -20.93
C MET C 118 1.16 -9.02 -21.91
N PHE C 119 1.30 -9.95 -22.85
CA PHE C 119 0.29 -10.18 -23.86
C PHE C 119 -0.80 -11.08 -23.30
N CYS C 120 -2.05 -10.61 -23.41
CA CYS C 120 -3.19 -11.31 -22.85
C CYS C 120 -4.14 -11.78 -23.93
N GLY C 121 -3.61 -12.33 -25.01
CA GLY C 121 -4.41 -12.85 -26.09
C GLY C 121 -4.55 -14.34 -25.99
N SER C 122 -4.73 -14.93 -27.16
CA SER C 122 -4.84 -16.36 -27.34
C SER C 122 -3.48 -17.00 -27.57
N PHE C 123 -3.40 -18.29 -27.23
CA PHE C 123 -2.21 -19.07 -27.55
C PHE C 123 -1.99 -19.13 -29.06
N MET C 124 -3.07 -18.99 -29.83
CA MET C 124 -3.00 -18.94 -31.28
C MET C 124 -2.74 -17.56 -31.85
N THR C 125 -2.83 -16.51 -31.04
CA THR C 125 -2.55 -15.18 -31.53
C THR C 125 -1.05 -14.93 -31.46
N THR C 126 -0.43 -14.78 -32.63
CA THR C 126 0.98 -14.47 -32.74
C THR C 126 1.13 -13.04 -33.20
N GLY C 127 2.34 -12.51 -33.02
CA GLY C 127 2.64 -11.17 -33.45
C GLY C 127 3.97 -10.68 -32.96
N LYS C 128 4.48 -9.62 -33.58
CA LYS C 128 5.72 -9.00 -33.17
C LYS C 128 5.50 -7.51 -33.02
N LEU C 129 5.92 -6.98 -31.87
CA LEU C 129 5.85 -5.56 -31.58
C LEU C 129 7.27 -5.03 -31.40
N ILE C 130 7.42 -3.74 -31.64
CA ILE C 130 8.67 -3.03 -31.38
C ILE C 130 8.34 -1.88 -30.44
N ILE C 131 8.91 -1.94 -29.24
CA ILE C 131 8.70 -0.94 -28.20
C ILE C 131 9.96 -0.10 -28.11
N CYS C 132 9.81 1.20 -28.32
CA CYS C 132 10.93 2.12 -28.45
C CYS C 132 10.89 3.15 -27.34
N TYR C 133 12.04 3.43 -26.76
CA TYR C 133 12.21 4.54 -25.84
C TYR C 133 13.04 5.61 -26.51
N THR C 134 12.46 6.80 -26.68
CA THR C 134 13.12 7.90 -27.37
C THR C 134 13.56 8.93 -26.35
N PRO C 135 14.86 9.17 -26.18
CA PRO C 135 15.30 10.23 -25.30
C PRO C 135 14.74 11.57 -25.73
N PRO C 136 14.70 12.53 -24.82
CA PRO C 136 14.03 13.80 -25.11
C PRO C 136 14.83 14.64 -26.09
N GLY C 137 14.17 15.68 -26.58
CA GLY C 137 14.78 16.60 -27.52
C GLY C 137 13.87 17.03 -28.64
N GLY C 138 12.90 16.18 -28.97
CA GLY C 138 12.01 16.47 -30.07
C GLY C 138 10.65 15.85 -29.92
N SER C 139 9.92 15.79 -31.03
CA SER C 139 8.57 15.25 -31.03
C SER C 139 8.59 13.76 -30.67
N SER C 140 7.45 13.29 -30.17
CA SER C 140 7.29 11.87 -29.98
C SER C 140 7.13 11.18 -31.34
N PRO C 141 7.87 10.10 -31.60
CA PRO C 141 7.80 9.47 -32.92
C PRO C 141 6.40 9.01 -33.27
N THR C 142 6.06 9.16 -34.54
CA THR C 142 4.86 8.58 -35.11
C THR C 142 5.14 7.56 -36.20
N ASP C 143 6.40 7.43 -36.64
CA ASP C 143 6.79 6.51 -37.70
C ASP C 143 7.82 5.54 -37.14
N ARG C 144 7.58 4.24 -37.36
CA ARG C 144 8.52 3.22 -36.89
C ARG C 144 9.89 3.44 -37.50
N MET C 145 10.03 4.11 -38.58
CA MET C 145 11.32 4.29 -39.25
C MET C 145 12.14 5.28 -38.45
N GLN C 146 11.53 6.06 -37.59
CA GLN C 146 12.32 6.88 -36.68
C GLN C 146 12.44 6.28 -35.28
N ALA C 147 11.36 5.72 -34.76
CA ALA C 147 11.39 5.18 -33.41
C ALA C 147 12.48 4.12 -33.26
N MET C 148 12.72 3.32 -34.29
CA MET C 148 13.74 2.27 -34.19
C MET C 148 15.14 2.84 -34.07
N LEU C 149 15.34 4.11 -34.44
CA LEU C 149 16.64 4.74 -34.27
C LEU C 149 17.00 4.93 -32.81
N ALA C 150 16.02 4.79 -31.93
CA ALA C 150 16.22 4.97 -30.50
C ALA C 150 16.31 3.61 -29.81
N THR C 151 16.35 3.63 -28.49
CA THR C 151 16.40 2.40 -27.71
C THR C 151 15.09 1.64 -27.89
N HIS C 152 15.19 0.37 -28.30
CA HIS C 152 14.01 -0.41 -28.60
C HIS C 152 14.28 -1.88 -28.41
N VAL C 153 13.20 -2.64 -28.25
CA VAL C 153 13.24 -4.08 -28.17
C VAL C 153 12.08 -4.62 -29.01
N VAL C 154 12.39 -5.55 -29.90
CA VAL C 154 11.37 -6.24 -30.66
C VAL C 154 10.83 -7.39 -29.83
N TRP C 155 9.51 -7.50 -29.77
CA TRP C 155 8.82 -8.42 -28.88
C TRP C 155 8.01 -9.41 -29.70
N ASP C 156 8.45 -10.66 -29.72
CA ASP C 156 7.73 -11.76 -30.36
C ASP C 156 6.91 -12.49 -29.31
N PHE C 157 5.63 -12.67 -29.58
CA PHE C 157 4.76 -13.41 -28.68
C PHE C 157 5.10 -14.90 -28.71
N GLY C 158 4.83 -15.56 -27.60
CA GLY C 158 5.15 -16.97 -27.48
C GLY C 158 4.90 -17.51 -26.09
N LEU C 159 5.57 -18.61 -25.76
CA LEU C 159 5.37 -19.22 -24.45
C LEU C 159 5.76 -18.27 -23.32
N GLN C 160 6.63 -17.30 -23.61
CA GLN C 160 6.95 -16.27 -22.63
C GLN C 160 6.03 -15.09 -22.90
N SER C 161 5.13 -14.81 -21.97
CA SER C 161 4.04 -13.88 -22.21
C SER C 161 4.45 -12.42 -22.19
N SER C 162 5.64 -12.11 -21.68
CA SER C 162 5.98 -10.74 -21.35
C SER C 162 7.34 -10.37 -21.90
N ILE C 163 7.52 -9.07 -22.12
CA ILE C 163 8.77 -8.48 -22.56
C ILE C 163 9.10 -7.32 -21.64
N THR C 164 10.38 -7.15 -21.35
CA THR C 164 10.87 -6.03 -20.57
C THR C 164 11.74 -5.15 -21.45
N ILE C 165 11.41 -3.87 -21.53
CA ILE C 165 12.29 -2.85 -22.08
C ILE C 165 12.81 -2.01 -20.93
N ILE C 166 14.13 -1.85 -20.87
CA ILE C 166 14.73 -0.97 -19.88
C ILE C 166 14.73 0.44 -20.43
N ILE C 167 14.22 1.38 -19.65
CA ILE C 167 14.34 2.79 -19.97
C ILE C 167 15.65 3.26 -19.34
N PRO C 168 16.74 3.30 -20.09
CA PRO C 168 18.03 3.56 -19.46
C PRO C 168 18.10 4.98 -18.93
N TRP C 169 18.86 5.15 -17.85
CA TRP C 169 19.11 6.47 -17.34
C TRP C 169 20.01 7.21 -18.33
N ILE C 170 19.41 8.07 -19.13
CA ILE C 170 20.14 8.90 -20.07
C ILE C 170 19.83 10.35 -19.72
N SER C 171 20.67 10.94 -18.89
CA SER C 171 20.47 12.29 -18.42
C SER C 171 21.82 12.97 -18.28
N GLY C 172 21.86 14.26 -18.61
CA GLY C 172 23.06 15.03 -18.39
C GLY C 172 23.33 15.23 -16.91
N SER C 173 22.27 15.47 -16.14
CA SER C 173 22.38 15.69 -14.71
C SER C 173 22.29 14.37 -13.97
N HIS C 174 22.87 14.36 -12.77
CA HIS C 174 22.80 13.18 -11.92
C HIS C 174 21.36 12.87 -11.53
N TYR C 175 20.50 13.87 -11.52
CA TYR C 175 19.12 13.73 -11.09
C TYR C 175 18.22 14.48 -12.05
N ARG C 176 16.96 14.08 -12.08
CA ARG C 176 15.91 14.80 -12.79
C ARG C 176 14.88 15.34 -11.80
N MET C 177 13.94 16.13 -12.32
CA MET C 177 12.96 16.79 -11.48
C MET C 177 11.52 16.37 -11.78
N PHE C 178 10.83 16.12 -10.68
CA PHE C 178 9.38 16.10 -10.49
C PHE C 178 8.84 17.53 -10.50
N ASN C 179 9.02 18.16 -11.66
CA ASN C 179 8.67 19.55 -11.88
C ASN C 179 7.30 19.66 -12.51
N THR C 180 6.65 20.80 -12.26
CA THR C 180 5.36 21.04 -12.89
C THR C 180 5.50 21.23 -14.40
N ASP C 181 6.68 21.62 -14.86
CA ASP C 181 6.90 21.86 -16.28
C ASP C 181 7.38 20.55 -16.92
N ALA C 182 6.57 19.99 -17.81
CA ALA C 182 6.92 18.73 -18.44
C ALA C 182 8.11 18.88 -19.37
N LYS C 183 8.21 20.02 -20.05
CA LYS C 183 9.16 20.22 -21.13
C LYS C 183 10.46 20.84 -20.67
N ALA C 184 10.74 20.81 -19.37
CA ALA C 184 12.01 21.28 -18.86
C ALA C 184 13.08 20.21 -19.03
N ILE C 185 14.30 20.65 -19.30
CA ILE C 185 15.40 19.71 -19.53
C ILE C 185 15.67 18.88 -18.29
N ASN C 186 15.34 19.40 -17.11
CA ASN C 186 15.57 18.70 -15.86
C ASN C 186 14.51 17.65 -15.55
N ALA C 187 13.40 17.65 -16.27
CA ALA C 187 12.26 16.84 -15.86
C ALA C 187 11.97 15.77 -16.89
N ASN C 188 11.96 16.12 -18.17
CA ASN C 188 11.47 15.18 -19.17
C ASN C 188 12.44 14.01 -19.34
N VAL C 189 11.85 12.83 -19.55
CA VAL C 189 12.56 11.57 -19.66
C VAL C 189 12.59 11.07 -21.08
N GLY C 190 11.68 11.55 -21.92
CA GLY C 190 11.55 11.01 -23.26
C GLY C 190 10.16 10.43 -23.51
N TYR C 191 10.10 9.51 -24.45
CA TYR C 191 8.84 8.90 -24.85
C TYR C 191 9.02 7.41 -25.06
N VAL C 192 7.98 6.65 -24.72
CA VAL C 192 7.91 5.22 -25.00
C VAL C 192 6.80 5.01 -26.01
N THR C 193 7.14 4.39 -27.13
CA THR C 193 6.19 4.14 -28.21
C THR C 193 6.20 2.67 -28.56
N CYS C 194 5.05 2.20 -29.04
CA CYS C 194 4.89 0.83 -29.50
C CYS C 194 4.36 0.85 -30.92
N PHE C 195 5.02 0.09 -31.79
CA PHE C 195 4.61 -0.05 -33.18
C PHE C 195 4.46 -1.53 -33.50
N MET C 196 3.69 -1.81 -34.53
CA MET C 196 3.66 -3.15 -35.09
C MET C 196 4.95 -3.44 -35.84
N GLN C 197 5.52 -4.60 -35.58
CA GLN C 197 6.73 -5.02 -36.28
C GLN C 197 6.36 -5.85 -37.51
N THR C 198 5.48 -6.86 -37.34
CA THR C 198 4.89 -7.51 -38.48
C THR C 198 3.37 -7.29 -38.43
N ASN C 199 2.67 -7.86 -37.46
CA ASN C 199 1.22 -7.69 -37.32
C ASN C 199 0.76 -8.57 -36.16
N LEU C 200 -0.52 -8.44 -35.83
CA LEU C 200 -1.18 -9.41 -34.97
C LEU C 200 -2.00 -10.36 -35.83
N VAL C 201 -1.72 -11.65 -35.71
CA VAL C 201 -2.35 -12.66 -36.54
C VAL C 201 -3.03 -13.65 -35.62
N ALA C 202 -4.34 -13.83 -35.80
CA ALA C 202 -5.12 -14.75 -35.01
C ALA C 202 -5.99 -15.59 -35.94
N PRO C 203 -6.15 -16.88 -35.68
CA PRO C 203 -7.02 -17.70 -36.52
C PRO C 203 -8.50 -17.42 -36.23
N VAL C 204 -9.34 -17.94 -37.12
CA VAL C 204 -10.76 -17.58 -37.10
C VAL C 204 -11.37 -17.90 -35.75
N GLY C 205 -11.04 -19.06 -35.18
CA GLY C 205 -11.62 -19.45 -33.92
C GLY C 205 -11.21 -18.59 -32.74
N ALA C 206 -10.14 -17.81 -32.88
CA ALA C 206 -9.70 -16.93 -31.82
C ALA C 206 -10.13 -15.49 -32.10
N ALA C 207 -10.19 -14.71 -31.03
CA ALA C 207 -10.63 -13.32 -31.14
C ALA C 207 -9.60 -12.49 -31.88
N ASP C 208 -10.09 -11.61 -32.76
CA ASP C 208 -9.21 -10.69 -33.47
C ASP C 208 -8.71 -9.58 -32.57
N GLN C 209 -9.34 -9.38 -31.40
CA GLN C 209 -9.00 -8.28 -30.50
C GLN C 209 -8.27 -8.77 -29.27
N CYS C 210 -7.15 -8.13 -28.97
CA CYS C 210 -6.29 -8.54 -27.87
C CYS C 210 -5.79 -7.33 -27.07
N TYR C 211 -5.55 -7.66 -25.82
CA TYR C 211 -5.09 -6.85 -24.70
C TYR C 211 -3.65 -7.09 -24.29
N ILE C 212 -2.98 -5.96 -24.10
CA ILE C 212 -1.63 -5.88 -23.57
C ILE C 212 -1.68 -5.08 -22.27
N VAL C 213 -1.07 -5.64 -21.23
CA VAL C 213 -1.03 -5.02 -19.92
C VAL C 213 0.38 -4.53 -19.67
N GLY C 214 0.52 -3.25 -19.38
CA GLY C 214 1.82 -2.65 -19.15
C GLY C 214 2.05 -2.40 -17.67
N MET C 215 3.24 -2.79 -17.22
CA MET C 215 3.67 -2.55 -15.85
C MET C 215 5.07 -1.96 -15.83
N VAL C 216 5.29 -1.09 -14.86
CA VAL C 216 6.52 -0.32 -14.73
C VAL C 216 7.07 -0.53 -13.34
N ALA C 217 8.40 -0.48 -13.25
CA ALA C 217 9.08 -0.62 -11.97
C ALA C 217 10.45 0.02 -12.08
N ALA C 218 11.04 0.27 -10.91
CA ALA C 218 12.39 0.78 -10.85
C ALA C 218 13.39 -0.35 -10.77
N LYS C 219 14.60 -0.09 -11.26
CA LYS C 219 15.71 -1.00 -11.10
C LYS C 219 16.56 -0.59 -9.90
N LYS C 220 17.62 -1.36 -9.68
CA LYS C 220 18.42 -1.21 -8.47
C LYS C 220 19.31 0.03 -8.50
N ASP C 221 19.43 0.70 -9.63
CA ASP C 221 20.12 1.98 -9.69
C ASP C 221 19.21 3.16 -9.41
N PHE C 222 17.96 2.90 -9.05
CA PHE C 222 16.99 3.97 -8.84
C PHE C 222 17.24 4.68 -7.52
N ASN C 223 17.16 6.00 -7.56
CA ASN C 223 17.35 6.84 -6.38
C ASN C 223 16.26 7.90 -6.36
N LEU C 224 15.78 8.19 -5.17
CA LEU C 224 14.88 9.31 -4.92
C LEU C 224 15.49 10.18 -3.84
N ARG C 225 15.48 11.48 -4.05
CA ARG C 225 16.23 12.31 -3.12
C ARG C 225 15.34 13.22 -2.28
N LEU C 226 14.69 14.22 -2.86
CA LEU C 226 14.21 15.29 -1.99
C LEU C 226 12.73 15.09 -1.68
N MET C 227 12.44 14.97 -0.40
CA MET C 227 11.12 14.61 0.09
C MET C 227 10.16 15.80 0.10
N ARG C 228 8.89 15.50 -0.15
CA ARG C 228 7.86 16.51 -0.24
C ARG C 228 6.50 15.87 0.04
N ASP C 229 5.53 16.73 0.37
CA ASP C 229 4.15 16.29 0.51
C ASP C 229 3.59 15.89 -0.85
N SER C 230 2.93 14.74 -0.89
CA SER C 230 2.42 14.22 -2.15
C SER C 230 1.28 15.10 -2.65
N PRO C 231 1.25 15.46 -3.94
CA PRO C 231 0.10 16.18 -4.48
C PRO C 231 -1.12 15.32 -4.75
N ASP C 232 -1.03 14.01 -4.53
CA ASP C 232 -2.11 13.12 -4.91
C ASP C 232 -3.27 13.16 -3.92
N ILE C 233 -3.00 13.41 -2.63
CA ILE C 233 -4.01 13.37 -1.59
C ILE C 233 -4.15 14.77 -1.00
N GLY C 234 -5.39 15.17 -0.74
CA GLY C 234 -5.68 16.51 -0.28
C GLY C 234 -6.75 16.53 0.78
N GLN C 235 -6.94 17.72 1.35
CA GLN C 235 -7.79 17.90 2.52
C GLN C 235 -8.22 19.35 2.60
N SER C 236 -9.50 19.56 2.90
CA SER C 236 -10.03 20.90 3.14
C SER C 236 -10.56 21.10 4.55
N ALA C 237 -10.77 20.04 5.32
CA ALA C 237 -11.20 20.16 6.69
C ALA C 237 -10.68 18.95 7.47
N ILE C 238 -10.65 19.09 8.79
CA ILE C 238 -10.32 17.95 9.63
C ILE C 238 -11.34 16.85 9.37
N LEU C 239 -10.84 15.66 9.05
CA LEU C 239 -11.73 14.56 8.74
C LEU C 239 -12.61 14.26 9.95
N PRO C 240 -13.92 14.27 9.80
CA PRO C 240 -14.80 14.12 10.95
C PRO C 240 -14.99 12.67 11.33
N GLU C 241 -15.79 12.45 12.38
CA GLU C 241 -16.07 11.09 12.80
C GLU C 241 -17.18 10.49 11.96
N GLN C 242 -18.08 11.32 11.45
CA GLN C 242 -19.05 10.92 10.45
C GLN C 242 -18.92 11.79 9.21
N ALA C 243 -18.99 11.15 8.05
CA ALA C 243 -18.85 11.85 6.78
C ALA C 243 -19.84 12.98 6.65
N GLN D 28 22.97 7.19 17.24
CA GLN D 28 21.87 7.90 17.96
C GLN D 28 22.39 8.54 19.24
N ILE D 29 21.47 9.08 20.04
CA ILE D 29 21.80 9.78 21.27
C ILE D 29 20.59 9.73 22.19
N ASN D 30 20.85 9.63 23.49
CA ASN D 30 19.79 9.55 24.48
C ASN D 30 20.27 10.17 25.79
N PHE D 31 19.41 10.99 26.40
CA PHE D 31 19.67 11.60 27.69
C PHE D 31 18.73 11.10 28.77
N TYR D 32 18.01 10.01 28.51
CA TYR D 32 17.02 9.48 29.44
C TYR D 32 17.27 7.99 29.61
N LYS D 33 16.75 7.44 30.71
CA LYS D 33 16.92 6.01 30.97
C LYS D 33 16.28 5.15 29.89
N ASP D 34 15.07 5.49 29.48
CA ASP D 34 14.28 4.62 28.63
C ASP D 34 14.85 4.56 27.23
N SER D 35 14.96 3.35 26.69
CA SER D 35 15.53 3.17 25.37
C SER D 35 14.63 3.75 24.29
N TYR D 36 13.32 3.77 24.53
CA TYR D 36 12.38 4.26 23.53
C TYR D 36 12.38 5.78 23.43
N ALA D 37 12.98 6.47 24.41
CA ALA D 37 13.09 7.92 24.35
C ALA D 37 14.18 8.37 23.40
N ALA D 38 14.97 7.45 22.88
CA ALA D 38 16.15 7.80 22.13
C ALA D 38 15.78 8.43 20.79
N SER D 39 16.80 8.96 20.14
CA SER D 39 16.63 9.59 18.84
C SER D 39 16.40 8.52 17.77
N ALA D 40 16.23 8.99 16.53
CA ALA D 40 15.96 8.09 15.42
C ALA D 40 17.10 7.10 15.22
N SER D 41 16.75 5.92 14.70
CA SER D 41 17.70 4.90 14.31
C SER D 41 17.71 4.83 12.79
N LYS D 42 18.61 5.59 12.16
CA LYS D 42 18.54 5.72 10.71
C LYS D 42 19.70 5.02 10.01
N GLN D 43 20.29 4.02 10.66
CA GLN D 43 21.45 3.33 10.14
C GLN D 43 21.12 1.93 9.66
N ASP D 44 19.92 1.73 9.12
CA ASP D 44 19.46 0.40 8.71
C ASP D 44 19.28 0.36 7.20
N PHE D 45 20.38 0.02 6.54
CA PHE D 45 20.48 0.05 5.09
C PHE D 45 20.26 -1.30 4.45
N SER D 46 19.68 -2.25 5.17
CA SER D 46 19.41 -3.56 4.60
C SER D 46 18.26 -3.49 3.61
N GLN D 47 18.34 -4.30 2.57
CA GLN D 47 17.31 -4.43 1.56
C GLN D 47 17.17 -5.88 1.14
N ASP D 48 15.94 -6.35 1.05
CA ASP D 48 15.63 -7.66 0.48
C ASP D 48 14.37 -7.54 -0.37
N PRO D 49 14.48 -6.92 -1.54
CA PRO D 49 13.31 -6.84 -2.42
C PRO D 49 12.82 -8.18 -2.92
N SER D 50 13.64 -9.22 -2.82
CA SER D 50 13.22 -10.55 -3.26
C SER D 50 11.97 -11.02 -2.53
N LYS D 51 11.72 -10.51 -1.33
CA LYS D 51 10.48 -10.82 -0.64
C LYS D 51 9.27 -10.48 -1.48
N PHE D 52 9.39 -9.44 -2.31
CA PHE D 52 8.29 -8.91 -3.10
C PHE D 52 8.49 -9.06 -4.60
N THR D 53 9.74 -9.11 -5.06
CA THR D 53 10.03 -9.18 -6.48
C THR D 53 10.25 -10.61 -6.97
N GLU D 54 10.81 -11.49 -6.14
CA GLU D 54 10.92 -12.91 -6.46
C GLU D 54 10.42 -13.76 -5.30
N PRO D 55 9.12 -13.70 -5.01
CA PRO D 55 8.52 -14.55 -3.96
C PRO D 55 8.09 -15.91 -4.48
N VAL D 56 8.99 -16.58 -5.21
CA VAL D 56 8.68 -17.83 -5.89
C VAL D 56 9.55 -18.93 -5.31
N ALA D 57 8.94 -20.09 -5.08
CA ALA D 57 9.65 -21.20 -4.46
C ALA D 57 10.84 -21.64 -5.30
N GLU D 58 10.62 -21.87 -6.59
CA GLU D 58 11.68 -22.33 -7.49
C GLU D 58 12.26 -21.14 -8.24
N ALA D 59 13.57 -20.96 -8.14
CA ALA D 59 14.25 -19.88 -8.82
C ALA D 59 14.07 -19.98 -10.33
#